data_4RE7
# 
_entry.id   4RE7 
# 
_audit_conform.dict_name       mmcif_pdbx.dic 
_audit_conform.dict_version    5.387 
_audit_conform.dict_location   http://mmcif.pdb.org/dictionaries/ascii/mmcif_pdbx.dic 
# 
loop_
_database_2.database_id 
_database_2.database_code 
_database_2.pdbx_database_accession 
_database_2.pdbx_DOI 
PDB   4RE7         pdb_00004re7 10.2210/pdb4re7/pdb 
NDB   NA3179       ?            ?                   
RCSB  RCSB087235   ?            ?                   
WWPDB D_1000087235 ?            ?                   
# 
loop_
_pdbx_audit_revision_history.ordinal 
_pdbx_audit_revision_history.data_content_type 
_pdbx_audit_revision_history.major_revision 
_pdbx_audit_revision_history.minor_revision 
_pdbx_audit_revision_history.revision_date 
1 'Structure model' 1 0 2015-09-30 
2 'Structure model' 1 1 2017-11-22 
3 'Structure model' 1 2 2024-02-28 
# 
_pdbx_audit_revision_details.ordinal             1 
_pdbx_audit_revision_details.revision_ordinal    1 
_pdbx_audit_revision_details.data_content_type   'Structure model' 
_pdbx_audit_revision_details.provider            repository 
_pdbx_audit_revision_details.type                'Initial release' 
_pdbx_audit_revision_details.description         ? 
_pdbx_audit_revision_details.details             ? 
# 
loop_
_pdbx_audit_revision_group.ordinal 
_pdbx_audit_revision_group.revision_ordinal 
_pdbx_audit_revision_group.data_content_type 
_pdbx_audit_revision_group.group 
1 2 'Structure model' 'Refinement description' 
2 3 'Structure model' 'Data collection'        
3 3 'Structure model' 'Database references'    
4 3 'Structure model' 'Derived calculations'   
# 
loop_
_pdbx_audit_revision_category.ordinal 
_pdbx_audit_revision_category.revision_ordinal 
_pdbx_audit_revision_category.data_content_type 
_pdbx_audit_revision_category.category 
1 2 'Structure model' software               
2 3 'Structure model' chem_comp_atom         
3 3 'Structure model' chem_comp_bond         
4 3 'Structure model' database_2             
5 3 'Structure model' pdbx_struct_conn_angle 
6 3 'Structure model' struct_conn            
7 3 'Structure model' struct_site            
# 
loop_
_pdbx_audit_revision_item.ordinal 
_pdbx_audit_revision_item.revision_ordinal 
_pdbx_audit_revision_item.data_content_type 
_pdbx_audit_revision_item.item 
1  2 'Structure model' '_software.classification'                    
2  2 'Structure model' '_software.name'                              
3  2 'Structure model' '_software.version'                           
4  3 'Structure model' '_database_2.pdbx_DOI'                        
5  3 'Structure model' '_database_2.pdbx_database_accession'         
6  3 'Structure model' '_pdbx_struct_conn_angle.ptnr1_auth_comp_id'  
7  3 'Structure model' '_pdbx_struct_conn_angle.ptnr1_auth_seq_id'   
8  3 'Structure model' '_pdbx_struct_conn_angle.ptnr1_label_atom_id' 
9  3 'Structure model' '_pdbx_struct_conn_angle.ptnr1_label_comp_id' 
10 3 'Structure model' '_pdbx_struct_conn_angle.ptnr1_label_seq_id'  
11 3 'Structure model' '_pdbx_struct_conn_angle.ptnr3_auth_comp_id'  
12 3 'Structure model' '_pdbx_struct_conn_angle.ptnr3_auth_seq_id'   
13 3 'Structure model' '_pdbx_struct_conn_angle.ptnr3_label_atom_id' 
14 3 'Structure model' '_pdbx_struct_conn_angle.ptnr3_label_comp_id' 
15 3 'Structure model' '_pdbx_struct_conn_angle.ptnr3_label_seq_id'  
16 3 'Structure model' '_struct_conn.pdbx_dist_value'                
17 3 'Structure model' '_struct_conn.ptnr1_auth_comp_id'             
18 3 'Structure model' '_struct_conn.ptnr1_auth_seq_id'              
19 3 'Structure model' '_struct_conn.ptnr1_label_atom_id'            
20 3 'Structure model' '_struct_conn.ptnr1_label_comp_id'            
21 3 'Structure model' '_struct_conn.ptnr1_label_seq_id'             
22 3 'Structure model' '_struct_site.pdbx_auth_asym_id'              
23 3 'Structure model' '_struct_site.pdbx_auth_comp_id'              
24 3 'Structure model' '_struct_site.pdbx_auth_seq_id'               
# 
_pdbx_database_status.status_code                     REL 
_pdbx_database_status.entry_id                        4RE7 
_pdbx_database_status.recvd_initial_deposition_date   2014-09-22 
_pdbx_database_status.deposit_site                    RCSB 
_pdbx_database_status.process_site                    RCSB 
_pdbx_database_status.status_code_sf                  REL 
_pdbx_database_status.status_code_mr                  ? 
_pdbx_database_status.SG_entry                        ? 
_pdbx_database_status.status_code_cs                  ? 
_pdbx_database_status.methods_development_category    ? 
_pdbx_database_status.pdb_format_compatible           Y 
_pdbx_database_status.status_code_nmr_data            ? 
# 
loop_
_pdbx_database_related.db_name 
_pdbx_database_related.db_id 
_pdbx_database_related.details 
_pdbx_database_related.content_type 
PDB 3QRN 'Lambda-[Ru(TAP)2(dppz)]2+ bound to d(TCGGCGCCGA)' unspecified 
PDB 4QIO 'Lambda-[Ru(TAP)2(dppz)]2+ bound to d(TCGGCGCCIA)' unspecified 
# 
loop_
_audit_author.name 
_audit_author.pdbx_ordinal 
'Hall, J.P.'   1 
'Cardin, C.J.' 2 
# 
_citation.id                        primary 
_citation.title                     'The effects of DNA modification on the binding of polypyridyl ruthenium complexes' 
_citation.journal_abbrev            'To be Published' 
_citation.journal_volume            ? 
_citation.page_first                ? 
_citation.page_last                 ? 
_citation.year                      ? 
_citation.journal_id_ASTM           ? 
_citation.country                   ? 
_citation.journal_id_ISSN           ? 
_citation.journal_id_CSD            0353 
_citation.book_publisher            ? 
_citation.pdbx_database_id_PubMed   ? 
_citation.pdbx_database_id_DOI      ? 
# 
loop_
_citation_author.citation_id 
_citation_author.name 
_citation_author.ordinal 
_citation_author.identifier_ORCID 
primary 'Hall, J.P.'    1 ? 
primary 'Gurung, S.P.'  2 ? 
primary 'Beer, H.'      3 ? 
primary 'Buchner, K.'   4 ? 
primary 'Cardin, D.J.'  5 ? 
primary 'Brazier, J.A.' 6 ? 
primary 'Cardin, C.J.'  7 ? 
# 
loop_
_entity.id 
_entity.type 
_entity.src_method 
_entity.pdbx_description 
_entity.formula_weight 
_entity.pdbx_number_of_molecules 
_entity.pdbx_ec 
_entity.pdbx_mutation 
_entity.pdbx_fragment 
_entity.details 
1 polymer     syn "5'-D(*TP*CP*IP*GP*CP*GP*CP*CP*GP*A)-3'" 3030.979 1 ? ? ? ? 
2 non-polymer syn 'BARIUM ION'                             137.327  1 ? ? ? ? 
3 non-polymer syn 'Ru(tap)2(dppz) complex'                 747.732  1 ? ? ? ? 
4 water       nat water                                    18.015   1 ? ? ? ? 
# 
_entity_poly.entity_id                      1 
_entity_poly.type                           polydeoxyribonucleotide 
_entity_poly.nstd_linkage                   no 
_entity_poly.nstd_monomer                   no 
_entity_poly.pdbx_seq_one_letter_code       '(DT)(DC)(DI)(DG)(DC)(DG)(DC)(DC)(DG)(DA)' 
_entity_poly.pdbx_seq_one_letter_code_can   TCIGCGCCGA 
_entity_poly.pdbx_strand_id                 A 
_entity_poly.pdbx_target_identifier         ? 
# 
loop_
_pdbx_entity_nonpoly.entity_id 
_pdbx_entity_nonpoly.name 
_pdbx_entity_nonpoly.comp_id 
2 'BARIUM ION'             BA  
3 'Ru(tap)2(dppz) complex' RKL 
4 water                    HOH 
# 
loop_
_entity_poly_seq.entity_id 
_entity_poly_seq.num 
_entity_poly_seq.mon_id 
_entity_poly_seq.hetero 
1 1  DT n 
1 2  DC n 
1 3  DI n 
1 4  DG n 
1 5  DC n 
1 6  DG n 
1 7  DC n 
1 8  DC n 
1 9  DG n 
1 10 DA n 
# 
_pdbx_entity_src_syn.entity_id              1 
_pdbx_entity_src_syn.pdbx_src_id            1 
_pdbx_entity_src_syn.pdbx_alt_source_flag   sample 
_pdbx_entity_src_syn.pdbx_beg_seq_num       ? 
_pdbx_entity_src_syn.pdbx_end_seq_num       ? 
_pdbx_entity_src_syn.organism_scientific    'synthetic construct' 
_pdbx_entity_src_syn.organism_common_name   ? 
_pdbx_entity_src_syn.ncbi_taxonomy_id       32630 
_pdbx_entity_src_syn.details                ? 
# 
loop_
_chem_comp.id 
_chem_comp.type 
_chem_comp.mon_nstd_flag 
_chem_comp.name 
_chem_comp.pdbx_synonyms 
_chem_comp.formula 
_chem_comp.formula_weight 
BA  non-polymer   . 'BARIUM ION'                         ? 'Ba 2'             137.327 
DA  'DNA linking' y "2'-DEOXYADENOSINE-5'-MONOPHOSPHATE" ? 'C10 H14 N5 O6 P'  331.222 
DC  'DNA linking' y "2'-DEOXYCYTIDINE-5'-MONOPHOSPHATE"  ? 'C9 H14 N3 O7 P'   307.197 
DG  'DNA linking' y "2'-DEOXYGUANOSINE-5'-MONOPHOSPHATE" ? 'C10 H14 N5 O7 P'  347.221 
DI  'DNA linking' y "2'-DEOXYINOSINE-5'-MONOPHOSPHATE"   ? 'C10 H13 N4 O7 P'  332.207 
DT  'DNA linking' y "THYMIDINE-5'-MONOPHOSPHATE"         ? 'C10 H15 N2 O8 P'  322.208 
HOH non-polymer   . WATER                                ? 'H2 O'             18.015  
RKL non-polymer   . 'Ru(tap)2(dppz) complex'             ? 'C38 H22 N12 Ru 2' 747.732 
# 
loop_
_pdbx_poly_seq_scheme.asym_id 
_pdbx_poly_seq_scheme.entity_id 
_pdbx_poly_seq_scheme.seq_id 
_pdbx_poly_seq_scheme.mon_id 
_pdbx_poly_seq_scheme.ndb_seq_num 
_pdbx_poly_seq_scheme.pdb_seq_num 
_pdbx_poly_seq_scheme.auth_seq_num 
_pdbx_poly_seq_scheme.pdb_mon_id 
_pdbx_poly_seq_scheme.auth_mon_id 
_pdbx_poly_seq_scheme.pdb_strand_id 
_pdbx_poly_seq_scheme.pdb_ins_code 
_pdbx_poly_seq_scheme.hetero 
A 1 1  DT 1  1  1  DT DT A . n 
A 1 2  DC 2  2  2  DC DC A . n 
A 1 3  DI 3  3  3  DI DI A . n 
A 1 4  DG 4  4  4  DG DG A . n 
A 1 5  DC 5  5  5  DC DC A . n 
A 1 6  DG 6  6  6  DG DG A . n 
A 1 7  DC 7  7  7  DC DC A . n 
A 1 8  DC 8  8  8  DC DC A . n 
A 1 9  DG 9  9  9  DG DG A . n 
A 1 10 DA 10 10 10 DA DA A . n 
# 
loop_
_pdbx_nonpoly_scheme.asym_id 
_pdbx_nonpoly_scheme.entity_id 
_pdbx_nonpoly_scheme.mon_id 
_pdbx_nonpoly_scheme.ndb_seq_num 
_pdbx_nonpoly_scheme.pdb_seq_num 
_pdbx_nonpoly_scheme.auth_seq_num 
_pdbx_nonpoly_scheme.pdb_mon_id 
_pdbx_nonpoly_scheme.auth_mon_id 
_pdbx_nonpoly_scheme.pdb_strand_id 
_pdbx_nonpoly_scheme.pdb_ins_code 
B 2 BA  1 101 1  BA  BA  A . 
C 3 RKL 1 102 11 RKL RKL A . 
D 4 HOH 1 201 2  HOH HOH A . 
# 
loop_
_software.name 
_software.classification 
_software.version 
_software.citation_id 
_software.pdbx_ordinal 
GDA     'data collection' .                             ? 1 
SHELXCD phasing           .                             ? 2 
SHELXE  'model building'  .                             ? 3 
PHENIX  refinement        '(phenix.refine: 1.8.4_1496)' ? 4 
XDS     'data reduction'  .                             ? 5 
SCALA   'data scaling'    .                             ? 6 
# 
_cell.entry_id           4RE7 
_cell.length_a           47.830 
_cell.length_b           47.830 
_cell.length_c           32.110 
_cell.angle_alpha        90.00 
_cell.angle_beta         90.00 
_cell.angle_gamma        90.00 
_cell.Z_PDB              8 
_cell.pdbx_unique_axis   ? 
_cell.length_a_esd       ? 
_cell.length_b_esd       ? 
_cell.length_c_esd       ? 
_cell.angle_alpha_esd    ? 
_cell.angle_beta_esd     ? 
_cell.angle_gamma_esd    ? 
# 
_symmetry.entry_id                         4RE7 
_symmetry.space_group_name_H-M             'P 43 21 2' 
_symmetry.pdbx_full_space_group_name_H-M   ? 
_symmetry.cell_setting                     ? 
_symmetry.Int_Tables_number                96 
_symmetry.space_group_name_Hall            ? 
# 
_exptl.entry_id          4RE7 
_exptl.method            'X-RAY DIFFRACTION' 
_exptl.crystals_number   1 
# 
_exptl_crystal.id                    1 
_exptl_crystal.density_meas          ? 
_exptl_crystal.density_Matthews      3.03 
_exptl_crystal.density_percent_sol   59.40 
_exptl_crystal.description           ? 
_exptl_crystal.F_000                 ? 
_exptl_crystal.preparation           ? 
# 
_exptl_crystal_grow.crystal_id      1 
_exptl_crystal_grow.method          'VAPOR DIFFUSION, SITTING DROP' 
_exptl_crystal_grow.temp            291 
_exptl_crystal_grow.temp_details    ? 
_exptl_crystal_grow.pH              7 
_exptl_crystal_grow.pdbx_details    
;1 uL 2 mM oligonucleotide (double HPLC-purified) + 1 uL 2 mM lambda-[Ru(TAP)2(dppz)]Cl2 + 6 uL 10% v/v MPD, 40 mM sodium cacodylate, pH 6.0, 12 mM spermine tetrahydrochloride, 80 mM sodium chloride, 20 mM barium chloride equilibrated against 1 mL 35% v/v MPD, VAPOR DIFFUSION, SITTING DROP, temperature 291K
;
_exptl_crystal_grow.pdbx_pH_range   ? 
# 
_diffrn.id                     1 
_diffrn.ambient_temp           100 
_diffrn.ambient_temp_details   ? 
_diffrn.crystal_id             1 
# 
_diffrn_detector.diffrn_id              1 
_diffrn_detector.detector               PIXEL 
_diffrn_detector.type                   'DECTRIS PILATUS 6M' 
_diffrn_detector.pdbx_collection_date   2014-07-10 
_diffrn_detector.details                ? 
# 
_diffrn_radiation.diffrn_id                        1 
_diffrn_radiation.wavelength_id                    1 
_diffrn_radiation.pdbx_monochromatic_or_laue_m_l   M 
_diffrn_radiation.monochromator                    'double crystal Si(111)' 
_diffrn_radiation.pdbx_diffrn_protocol             'SINGLE WAVELENGTH' 
_diffrn_radiation.pdbx_scattering_type             x-ray 
# 
_diffrn_radiation_wavelength.id           1 
_diffrn_radiation_wavelength.wavelength   0.9795 
_diffrn_radiation_wavelength.wt           1.0 
# 
_diffrn_source.diffrn_id                   1 
_diffrn_source.source                      SYNCHROTRON 
_diffrn_source.type                        'DIAMOND BEAMLINE I02' 
_diffrn_source.pdbx_synchrotron_site       Diamond 
_diffrn_source.pdbx_synchrotron_beamline   I02 
_diffrn_source.pdbx_wavelength             ? 
_diffrn_source.pdbx_wavelength_list        0.9795 
# 
_reflns.entry_id                     4RE7 
_reflns.observed_criterion_sigma_I   -3 
_reflns.observed_criterion_sigma_F   ? 
_reflns.d_resolution_low             47.83 
_reflns.d_resolution_high            2.18 
_reflns.number_obs                   2012 
_reflns.number_all                   2012 
_reflns.percent_possible_obs         94.1 
_reflns.pdbx_Rmerge_I_obs            0.137 
_reflns.pdbx_Rsym_value              ? 
_reflns.pdbx_netI_over_sigmaI        11.5 
_reflns.B_iso_Wilson_estimate        ? 
_reflns.pdbx_redundancy              10.5 
_reflns.R_free_details               ? 
_reflns.limit_h_max                  ? 
_reflns.limit_h_min                  ? 
_reflns.limit_k_max                  ? 
_reflns.limit_k_min                  ? 
_reflns.limit_l_max                  ? 
_reflns.limit_l_min                  ? 
_reflns.observed_criterion_F_max     ? 
_reflns.observed_criterion_F_min     ? 
_reflns.pdbx_chi_squared             ? 
_reflns.pdbx_scaling_rejects         ? 
_reflns.pdbx_ordinal                 1 
_reflns.pdbx_diffrn_id               1 
# 
_reflns_shell.d_res_high             2.18 
_reflns_shell.d_res_low              2.24 
_reflns_shell.percent_possible_all   93.0 
_reflns_shell.Rmerge_I_obs           1.122 
_reflns_shell.pdbx_Rsym_value        ? 
_reflns_shell.meanI_over_sigI_obs    1.9 
_reflns_shell.pdbx_redundancy        10.7 
_reflns_shell.percent_possible_obs   ? 
_reflns_shell.number_unique_all      ? 
_reflns_shell.number_measured_all    ? 
_reflns_shell.number_measured_obs    ? 
_reflns_shell.number_unique_obs      ? 
_reflns_shell.pdbx_chi_squared       ? 
_reflns_shell.pdbx_ordinal           1 
_reflns_shell.pdbx_diffrn_id         1 
# 
_refine.entry_id                                 4RE7 
_refine.ls_number_reflns_obs                     2000 
_refine.ls_number_reflns_all                     ? 
_refine.pdbx_ls_sigma_I                          ? 
_refine.pdbx_ls_sigma_F                          1.94 
_refine.pdbx_data_cutoff_high_absF               ? 
_refine.pdbx_data_cutoff_low_absF                ? 
_refine.pdbx_data_cutoff_high_rms_absF           ? 
_refine.ls_d_res_low                             33.821 
_refine.ls_d_res_high                            2.181 
_refine.ls_percent_reflns_obs                    93.44 
_refine.ls_R_factor_obs                          0.1950 
_refine.ls_R_factor_all                          ? 
_refine.ls_R_factor_R_work                       0.1925 
_refine.ls_R_factor_R_free                       0.2417 
_refine.ls_R_factor_R_free_error                 ? 
_refine.ls_R_factor_R_free_error_details         ? 
_refine.ls_percent_reflns_R_free                 4.57 
_refine.ls_number_reflns_R_free                  159 
_refine.ls_number_parameters                     ? 
_refine.ls_number_restraints                     ? 
_refine.occupancy_min                            ? 
_refine.occupancy_max                            ? 
_refine.correlation_coeff_Fo_to_Fc               ? 
_refine.correlation_coeff_Fo_to_Fc_free          ? 
_refine.B_iso_mean                               ? 
_refine.aniso_B[1][1]                            ? 
_refine.aniso_B[2][2]                            ? 
_refine.aniso_B[3][3]                            ? 
_refine.aniso_B[1][2]                            ? 
_refine.aniso_B[1][3]                            ? 
_refine.aniso_B[2][3]                            ? 
_refine.solvent_model_details                    'FLAT BULK SOLVENT MODEL' 
_refine.solvent_model_param_ksol                 ? 
_refine.solvent_model_param_bsol                 ? 
_refine.pdbx_solvent_vdw_probe_radii             1.11 
_refine.pdbx_solvent_ion_probe_radii             ? 
_refine.pdbx_solvent_shrinkage_radii             0.90 
_refine.pdbx_ls_cross_valid_method               ? 
_refine.details                                  ? 
_refine.pdbx_starting_model                      ? 
_refine.pdbx_method_to_determine_struct          SAD 
_refine.pdbx_isotropic_thermal_model             ? 
_refine.pdbx_stereochemistry_target_values       ML 
_refine.pdbx_stereochem_target_val_spec_case     ? 
_refine.pdbx_R_Free_selection_details            RANDOM 
_refine.pdbx_overall_ESU_R                       ? 
_refine.pdbx_overall_ESU_R_Free                  ? 
_refine.overall_SU_ML                            0.22 
_refine.pdbx_overall_phase_error                 45.48 
_refine.overall_SU_B                             ? 
_refine.overall_SU_R_Cruickshank_DPI             ? 
_refine.ls_redundancy_reflns_obs                 ? 
_refine.B_iso_min                                ? 
_refine.B_iso_max                                ? 
_refine.overall_SU_R_free                        ? 
_refine.ls_wR_factor_R_free                      ? 
_refine.ls_wR_factor_R_work                      ? 
_refine.overall_FOM_free_R_set                   ? 
_refine.overall_FOM_work_R_set                   ? 
_refine.pdbx_diffrn_id                           1 
_refine.pdbx_refine_id                           'X-RAY DIFFRACTION' 
_refine.pdbx_TLS_residual_ADP_flag               ? 
_refine.pdbx_overall_SU_R_free_Cruickshank_DPI   ? 
_refine.pdbx_overall_SU_R_Blow_DPI               ? 
_refine.pdbx_overall_SU_R_free_Blow_DPI          ? 
# 
_refine_hist.pdbx_refine_id                   'X-RAY DIFFRACTION' 
_refine_hist.cycle_id                         LAST 
_refine_hist.pdbx_number_atoms_protein        0 
_refine_hist.pdbx_number_atoms_nucleic_acid   201 
_refine_hist.pdbx_number_atoms_ligand         52 
_refine_hist.number_atoms_solvent             1 
_refine_hist.number_atoms_total               254 
_refine_hist.d_res_high                       2.181 
_refine_hist.d_res_low                        33.821 
# 
loop_
_refine_ls_restr.type 
_refine_ls_restr.dev_ideal 
_refine_ls_restr.dev_ideal_target 
_refine_ls_restr.weight 
_refine_ls_restr.number 
_refine_ls_restr.pdbx_restraint_function 
_refine_ls_restr.pdbx_refine_id 
f_bond_d           0.005  ? ? 289 ? 'X-RAY DIFFRACTION' 
f_angle_d          1.915  ? ? 454 ? 'X-RAY DIFFRACTION' 
f_dihedral_angle_d 28.048 ? ? 97  ? 'X-RAY DIFFRACTION' 
f_chiral_restr     0.027  ? ? 38  ? 'X-RAY DIFFRACTION' 
f_plane_restr      0.002  ? ? 13  ? 'X-RAY DIFFRACTION' 
# 
_refine_ls_shell.pdbx_total_number_of_bins_used   ? 
_refine_ls_shell.d_res_high                       2.181 
_refine_ls_shell.d_res_low                        33.825 
_refine_ls_shell.number_reflns_R_work             3318 
_refine_ls_shell.R_factor_R_work                  0.1925 
_refine_ls_shell.percent_reflns_obs               93.0 
_refine_ls_shell.R_factor_R_free                  0.2417 
_refine_ls_shell.R_factor_R_free_error            ? 
_refine_ls_shell.percent_reflns_R_free            ? 
_refine_ls_shell.number_reflns_R_free             159 
_refine_ls_shell.number_reflns_all                ? 
_refine_ls_shell.R_factor_all                     ? 
_refine_ls_shell.number_reflns_obs                ? 
_refine_ls_shell.redundancy_reflns_obs            ? 
_refine_ls_shell.pdbx_refine_id                   'X-RAY DIFFRACTION' 
# 
_struct.entry_id                  4RE7 
_struct.title                     'Lambda-[Ru(TAP)2(dppz)]2+ bound to d(TCIGCGCCGA)' 
_struct.pdbx_model_details        ? 
_struct.pdbx_CASP_flag            ? 
_struct.pdbx_model_type_details   ? 
# 
_struct_keywords.entry_id        4RE7 
_struct_keywords.pdbx_keywords   DNA 
_struct_keywords.text            'inosine, kinking, ruthenium, DNA' 
# 
loop_
_struct_asym.id 
_struct_asym.pdbx_blank_PDB_chainid_flag 
_struct_asym.pdbx_modified 
_struct_asym.entity_id 
_struct_asym.details 
A N N 1 ? 
B N N 2 ? 
C N N 3 ? 
D N N 4 ? 
# 
_struct_ref.id                         1 
_struct_ref.db_name                    PDB 
_struct_ref.db_code                    4RE7 
_struct_ref.pdbx_db_accession          4RE7 
_struct_ref.entity_id                  1 
_struct_ref.pdbx_align_begin           1 
_struct_ref.pdbx_seq_one_letter_code   TCIGCGCCGA 
_struct_ref.pdbx_db_isoform            ? 
# 
_struct_ref_seq.align_id                      1 
_struct_ref_seq.ref_id                        1 
_struct_ref_seq.pdbx_PDB_id_code              4RE7 
_struct_ref_seq.pdbx_strand_id                A 
_struct_ref_seq.seq_align_beg                 1 
_struct_ref_seq.pdbx_seq_align_beg_ins_code   ? 
_struct_ref_seq.seq_align_end                 10 
_struct_ref_seq.pdbx_seq_align_end_ins_code   ? 
_struct_ref_seq.pdbx_db_accession             4RE7 
_struct_ref_seq.db_align_beg                  1 
_struct_ref_seq.pdbx_db_align_beg_ins_code    ? 
_struct_ref_seq.db_align_end                  10 
_struct_ref_seq.pdbx_db_align_end_ins_code    ? 
_struct_ref_seq.pdbx_auth_seq_align_beg       1 
_struct_ref_seq.pdbx_auth_seq_align_end       10 
# 
_pdbx_struct_assembly.id                   1 
_pdbx_struct_assembly.details              author_and_software_defined_assembly 
_pdbx_struct_assembly.method_details       PISA 
_pdbx_struct_assembly.oligomeric_details   dimeric 
_pdbx_struct_assembly.oligomeric_count     2 
# 
loop_
_pdbx_struct_assembly_prop.biol_id 
_pdbx_struct_assembly_prop.type 
_pdbx_struct_assembly_prop.value 
_pdbx_struct_assembly_prop.details 
1 'ABSA (A^2)' 1930 ? 
1 MORE         -23  ? 
1 'SSA (A^2)'  4940 ? 
# 
_pdbx_struct_assembly_gen.assembly_id       1 
_pdbx_struct_assembly_gen.oper_expression   1,2 
_pdbx_struct_assembly_gen.asym_id_list      A,B,C,D 
# 
loop_
_pdbx_struct_oper_list.id 
_pdbx_struct_oper_list.type 
_pdbx_struct_oper_list.name 
_pdbx_struct_oper_list.symmetry_operation 
_pdbx_struct_oper_list.matrix[1][1] 
_pdbx_struct_oper_list.matrix[1][2] 
_pdbx_struct_oper_list.matrix[1][3] 
_pdbx_struct_oper_list.vector[1] 
_pdbx_struct_oper_list.matrix[2][1] 
_pdbx_struct_oper_list.matrix[2][2] 
_pdbx_struct_oper_list.matrix[2][3] 
_pdbx_struct_oper_list.vector[2] 
_pdbx_struct_oper_list.matrix[3][1] 
_pdbx_struct_oper_list.matrix[3][2] 
_pdbx_struct_oper_list.matrix[3][3] 
_pdbx_struct_oper_list.vector[3] 
1 'identity operation'         1_555 x,y,z    1.0000000000 0.0000000000  0.0000000000 0.0000000000 0.0000000000  1.0000000000  0.0000000000  0.0000000000 0.0000000000 0.0000000000  1.0000000000  0.0000000000  
2 'crystal symmetry operation' 7_554 y,x,-z-1 0.1264617635 -0.9764724068 0.1746684320 5.5458612996 -0.9764724068 -0.1535457375 -0.1514111794 5.6905130095 0.1746684320 -0.1514111794 -0.9729160260 -3.9536151852 
# 
_struct_biol.id        1 
_struct_biol.details   ? 
# 
loop_
_struct_conn.id 
_struct_conn.conn_type_id 
_struct_conn.pdbx_leaving_atom_flag 
_struct_conn.pdbx_PDB_id 
_struct_conn.ptnr1_label_asym_id 
_struct_conn.ptnr1_label_comp_id 
_struct_conn.ptnr1_label_seq_id 
_struct_conn.ptnr1_label_atom_id 
_struct_conn.pdbx_ptnr1_label_alt_id 
_struct_conn.pdbx_ptnr1_PDB_ins_code 
_struct_conn.pdbx_ptnr1_standard_comp_id 
_struct_conn.ptnr1_symmetry 
_struct_conn.ptnr2_label_asym_id 
_struct_conn.ptnr2_label_comp_id 
_struct_conn.ptnr2_label_seq_id 
_struct_conn.ptnr2_label_atom_id 
_struct_conn.pdbx_ptnr2_label_alt_id 
_struct_conn.pdbx_ptnr2_PDB_ins_code 
_struct_conn.ptnr1_auth_asym_id 
_struct_conn.ptnr1_auth_comp_id 
_struct_conn.ptnr1_auth_seq_id 
_struct_conn.ptnr2_auth_asym_id 
_struct_conn.ptnr2_auth_comp_id 
_struct_conn.ptnr2_auth_seq_id 
_struct_conn.ptnr2_symmetry 
_struct_conn.pdbx_ptnr3_label_atom_id 
_struct_conn.pdbx_ptnr3_label_seq_id 
_struct_conn.pdbx_ptnr3_label_comp_id 
_struct_conn.pdbx_ptnr3_label_asym_id 
_struct_conn.pdbx_ptnr3_label_alt_id 
_struct_conn.pdbx_ptnr3_PDB_ins_code 
_struct_conn.details 
_struct_conn.pdbx_dist_value 
_struct_conn.pdbx_value_order 
_struct_conn.pdbx_role 
metalc1  metalc ? ? A DI 3  N7 ? ? ? 1_555 B BA .  BA ? ? A DI 3  A BA 101 1_555 ? ? ? ? ? ? ?            2.906 ? ? 
metalc2  metalc ? ? A DG 4  O6 ? ? ? 1_555 B BA .  BA ? ? A DG 4  A BA 101 1_555 ? ? ? ? ? ? ?            2.804 ? ? 
hydrog1  hydrog ? ? A DT 1  N3 ? ? ? 1_555 A DA 10 N1 ? ? A DT 1  A DA 10  7_554 ? ? ? ? ? ? WATSON-CRICK ?     ? ? 
hydrog2  hydrog ? ? A DT 1  O4 ? ? ? 1_555 A DA 10 N6 ? ? A DT 1  A DA 10  7_554 ? ? ? ? ? ? WATSON-CRICK ?     ? ? 
hydrog3  hydrog ? ? A DC 2  N3 ? ? ? 1_555 A DG 9  N1 ? ? A DC 2  A DG 9   7_554 ? ? ? ? ? ? WATSON-CRICK ?     ? ? 
hydrog4  hydrog ? ? A DC 2  N4 ? ? ? 1_555 A DG 9  O6 ? ? A DC 2  A DG 9   7_554 ? ? ? ? ? ? WATSON-CRICK ?     ? ? 
hydrog5  hydrog ? ? A DC 2  O2 ? ? ? 1_555 A DG 9  N2 ? ? A DC 2  A DG 9   7_554 ? ? ? ? ? ? WATSON-CRICK ?     ? ? 
hydrog6  hydrog ? ? A DI 3  N1 ? ? ? 1_555 A DC 8  N3 ? ? A DI 3  A DC 8   7_554 ? ? ? ? ? ? 'DI-DC PAIR' ?     ? ? 
hydrog7  hydrog ? ? A DG 4  N1 ? ? ? 1_555 A DC 7  N3 ? ? A DG 4  A DC 7   7_554 ? ? ? ? ? ? WATSON-CRICK ?     ? ? 
hydrog8  hydrog ? ? A DG 4  N2 ? ? ? 1_555 A DC 7  O2 ? ? A DG 4  A DC 7   7_554 ? ? ? ? ? ? WATSON-CRICK ?     ? ? 
hydrog9  hydrog ? ? A DG 4  O6 ? ? ? 1_555 A DC 7  N4 ? ? A DG 4  A DC 7   7_554 ? ? ? ? ? ? WATSON-CRICK ?     ? ? 
hydrog10 hydrog ? ? A DC 5  N3 ? ? ? 1_555 A DG 6  N1 ? ? A DC 5  A DG 6   7_554 ? ? ? ? ? ? WATSON-CRICK ?     ? ? 
hydrog11 hydrog ? ? A DC 5  N4 ? ? ? 1_555 A DG 6  O6 ? ? A DC 5  A DG 6   7_554 ? ? ? ? ? ? WATSON-CRICK ?     ? ? 
hydrog12 hydrog ? ? A DC 5  O2 ? ? ? 1_555 A DG 6  N2 ? ? A DC 5  A DG 6   7_554 ? ? ? ? ? ? WATSON-CRICK ?     ? ? 
hydrog13 hydrog ? ? A DG 6  N1 ? ? ? 1_555 A DC 5  N3 ? ? A DG 6  A DC 5   7_554 ? ? ? ? ? ? WATSON-CRICK ?     ? ? 
hydrog14 hydrog ? ? A DG 6  N2 ? ? ? 1_555 A DC 5  O2 ? ? A DG 6  A DC 5   7_554 ? ? ? ? ? ? WATSON-CRICK ?     ? ? 
hydrog15 hydrog ? ? A DG 6  O6 ? ? ? 1_555 A DC 5  N4 ? ? A DG 6  A DC 5   7_554 ? ? ? ? ? ? WATSON-CRICK ?     ? ? 
hydrog16 hydrog ? ? A DC 7  N3 ? ? ? 1_555 A DG 4  N1 ? ? A DC 7  A DG 4   7_554 ? ? ? ? ? ? WATSON-CRICK ?     ? ? 
hydrog17 hydrog ? ? A DC 7  N4 ? ? ? 1_555 A DG 4  O6 ? ? A DC 7  A DG 4   7_554 ? ? ? ? ? ? WATSON-CRICK ?     ? ? 
hydrog18 hydrog ? ? A DC 7  O2 ? ? ? 1_555 A DG 4  N2 ? ? A DC 7  A DG 4   7_554 ? ? ? ? ? ? WATSON-CRICK ?     ? ? 
hydrog19 hydrog ? ? A DC 8  N4 ? ? ? 1_555 A DI 3  O6 ? ? A DC 8  A DI 3   7_554 ? ? ? ? ? ? 'DC-DI PAIR' ?     ? ? 
hydrog20 hydrog ? ? A DG 9  N1 ? ? ? 1_555 A DC 2  N3 ? ? A DG 9  A DC 2   7_554 ? ? ? ? ? ? WATSON-CRICK ?     ? ? 
hydrog21 hydrog ? ? A DG 9  N2 ? ? ? 1_555 A DC 2  O2 ? ? A DG 9  A DC 2   7_554 ? ? ? ? ? ? WATSON-CRICK ?     ? ? 
hydrog22 hydrog ? ? A DG 9  O6 ? ? ? 1_555 A DC 2  N4 ? ? A DG 9  A DC 2   7_554 ? ? ? ? ? ? WATSON-CRICK ?     ? ? 
hydrog23 hydrog ? ? A DA 10 N1 ? ? ? 1_555 A DT 1  N3 ? ? A DA 10 A DT 1   7_554 ? ? ? ? ? ? WATSON-CRICK ?     ? ? 
hydrog24 hydrog ? ? A DA 10 N6 ? ? ? 1_555 A DT 1  O4 ? ? A DA 10 A DT 1   7_554 ? ? ? ? ? ? WATSON-CRICK ?     ? ? 
# 
loop_
_struct_conn_type.id 
_struct_conn_type.criteria 
_struct_conn_type.reference 
metalc ? ? 
hydrog ? ? 
# 
_pdbx_struct_conn_angle.id                    1 
_pdbx_struct_conn_angle.ptnr1_label_atom_id   N7 
_pdbx_struct_conn_angle.ptnr1_label_alt_id    ? 
_pdbx_struct_conn_angle.ptnr1_label_asym_id   A 
_pdbx_struct_conn_angle.ptnr1_label_comp_id   DI 
_pdbx_struct_conn_angle.ptnr1_label_seq_id    3 
_pdbx_struct_conn_angle.ptnr1_auth_atom_id    ? 
_pdbx_struct_conn_angle.ptnr1_auth_asym_id    A 
_pdbx_struct_conn_angle.ptnr1_auth_comp_id    DI 
_pdbx_struct_conn_angle.ptnr1_auth_seq_id     3 
_pdbx_struct_conn_angle.ptnr1_PDB_ins_code    ? 
_pdbx_struct_conn_angle.ptnr1_symmetry        1_555 
_pdbx_struct_conn_angle.ptnr2_label_atom_id   BA 
_pdbx_struct_conn_angle.ptnr2_label_alt_id    ? 
_pdbx_struct_conn_angle.ptnr2_label_asym_id   B 
_pdbx_struct_conn_angle.ptnr2_label_comp_id   BA 
_pdbx_struct_conn_angle.ptnr2_label_seq_id    . 
_pdbx_struct_conn_angle.ptnr2_auth_atom_id    ? 
_pdbx_struct_conn_angle.ptnr2_auth_asym_id    A 
_pdbx_struct_conn_angle.ptnr2_auth_comp_id    BA 
_pdbx_struct_conn_angle.ptnr2_auth_seq_id     101 
_pdbx_struct_conn_angle.ptnr2_PDB_ins_code    ? 
_pdbx_struct_conn_angle.ptnr2_symmetry        1_555 
_pdbx_struct_conn_angle.ptnr3_label_atom_id   O6 
_pdbx_struct_conn_angle.ptnr3_label_alt_id    ? 
_pdbx_struct_conn_angle.ptnr3_label_asym_id   A 
_pdbx_struct_conn_angle.ptnr3_label_comp_id   DG 
_pdbx_struct_conn_angle.ptnr3_label_seq_id    4 
_pdbx_struct_conn_angle.ptnr3_auth_atom_id    ? 
_pdbx_struct_conn_angle.ptnr3_auth_asym_id    A 
_pdbx_struct_conn_angle.ptnr3_auth_comp_id    DG 
_pdbx_struct_conn_angle.ptnr3_auth_seq_id     4 
_pdbx_struct_conn_angle.ptnr3_PDB_ins_code    ? 
_pdbx_struct_conn_angle.ptnr3_symmetry        1_555 
_pdbx_struct_conn_angle.value                 75.2 
_pdbx_struct_conn_angle.value_esd             ? 
# 
loop_
_struct_site.id 
_struct_site.pdbx_evidence_code 
_struct_site.pdbx_auth_asym_id 
_struct_site.pdbx_auth_comp_id 
_struct_site.pdbx_auth_seq_id 
_struct_site.pdbx_auth_ins_code 
_struct_site.pdbx_num_residues 
_struct_site.details 
AC1 Software A BA  101 ? 2  'BINDING SITE FOR RESIDUE BA A 101'  
AC2 Software A RKL 102 ? 10 'BINDING SITE FOR RESIDUE RKL A 102' 
# 
loop_
_struct_site_gen.id 
_struct_site_gen.site_id 
_struct_site_gen.pdbx_num_res 
_struct_site_gen.label_comp_id 
_struct_site_gen.label_asym_id 
_struct_site_gen.label_seq_id 
_struct_site_gen.pdbx_auth_ins_code 
_struct_site_gen.auth_comp_id 
_struct_site_gen.auth_asym_id 
_struct_site_gen.auth_seq_id 
_struct_site_gen.label_atom_id 
_struct_site_gen.label_alt_id 
_struct_site_gen.symmetry 
_struct_site_gen.details 
1  AC1 2  DI A 3  ? DI A 3  . ? 1_555 ? 
2  AC1 2  DG A 4  ? DG A 4  . ? 1_555 ? 
3  AC2 10 DT A 1  ? DT A 1  . ? 6_454 ? 
4  AC2 10 DC A 2  ? DC A 2  . ? 6_454 ? 
5  AC2 10 DI A 3  ? DI A 3  . ? 6_454 ? 
6  AC2 10 DI A 3  ? DI A 3  . ? 7_554 ? 
7  AC2 10 DG A 4  ? DG A 4  . ? 7_554 ? 
8  AC2 10 DC A 7  ? DC A 7  . ? 1_555 ? 
9  AC2 10 DC A 8  ? DC A 8  . ? 1_555 ? 
10 AC2 10 DG A 9  ? DG A 9  . ? 4_455 ? 
11 AC2 10 DA A 10 ? DA A 10 . ? 2_565 ? 
12 AC2 10 DA A 10 ? DA A 10 . ? 4_455 ? 
# 
_pdbx_refine_tls.pdbx_refine_id   'X-RAY DIFFRACTION' 
_pdbx_refine_tls.id               1 
_pdbx_refine_tls.details          ? 
_pdbx_refine_tls.method           refined 
_pdbx_refine_tls.origin_x         1.8072 
_pdbx_refine_tls.origin_y         0.9130 
_pdbx_refine_tls.origin_z         1.2429 
_pdbx_refine_tls.T[1][1]          0.7760 
_pdbx_refine_tls.T[2][2]          0.7805 
_pdbx_refine_tls.T[3][3]          0.6021 
_pdbx_refine_tls.T[1][2]          -0.0527 
_pdbx_refine_tls.T[1][3]          0.0623 
_pdbx_refine_tls.T[2][3]          -0.0104 
_pdbx_refine_tls.L[1][1]          5.1967 
_pdbx_refine_tls.L[2][2]          7.2181 
_pdbx_refine_tls.L[3][3]          0.5523 
_pdbx_refine_tls.L[1][2]          2.7690 
_pdbx_refine_tls.L[1][3]          -0.2482 
_pdbx_refine_tls.L[2][3]          -1.0651 
_pdbx_refine_tls.S[1][1]          -0.3477 
_pdbx_refine_tls.S[1][2]          -0.3153 
_pdbx_refine_tls.S[1][3]          0.5614 
_pdbx_refine_tls.S[2][1]          0.1394 
_pdbx_refine_tls.S[2][2]          0.1977 
_pdbx_refine_tls.S[2][3]          0.3321 
_pdbx_refine_tls.S[3][1]          0.2105 
_pdbx_refine_tls.S[3][2]          -0.1942 
_pdbx_refine_tls.S[3][3]          0.2650 
# 
_pdbx_refine_tls_group.pdbx_refine_id      'X-RAY DIFFRACTION' 
_pdbx_refine_tls_group.id                  1 
_pdbx_refine_tls_group.refine_tls_id       1 
_pdbx_refine_tls_group.beg_auth_asym_id    ? 
_pdbx_refine_tls_group.beg_auth_seq_id     ? 
_pdbx_refine_tls_group.beg_label_asym_id   ? 
_pdbx_refine_tls_group.beg_label_seq_id    ? 
_pdbx_refine_tls_group.end_auth_asym_id    ? 
_pdbx_refine_tls_group.end_auth_seq_id     ? 
_pdbx_refine_tls_group.end_label_asym_id   ? 
_pdbx_refine_tls_group.end_label_seq_id    ? 
_pdbx_refine_tls_group.selection           ? 
_pdbx_refine_tls_group.selection_details   
;chain 'A'
;
# 
loop_
_chem_comp_atom.comp_id 
_chem_comp_atom.atom_id 
_chem_comp_atom.type_symbol 
_chem_comp_atom.pdbx_aromatic_flag 
_chem_comp_atom.pdbx_stereo_config 
_chem_comp_atom.pdbx_ordinal 
BA  BA     BA N N 1   
DA  OP3    O  N N 2   
DA  P      P  N N 3   
DA  OP1    O  N N 4   
DA  OP2    O  N N 5   
DA  "O5'"  O  N N 6   
DA  "C5'"  C  N N 7   
DA  "C4'"  C  N R 8   
DA  "O4'"  O  N N 9   
DA  "C3'"  C  N S 10  
DA  "O3'"  O  N N 11  
DA  "C2'"  C  N N 12  
DA  "C1'"  C  N R 13  
DA  N9     N  Y N 14  
DA  C8     C  Y N 15  
DA  N7     N  Y N 16  
DA  C5     C  Y N 17  
DA  C6     C  Y N 18  
DA  N6     N  N N 19  
DA  N1     N  Y N 20  
DA  C2     C  Y N 21  
DA  N3     N  Y N 22  
DA  C4     C  Y N 23  
DA  HOP3   H  N N 24  
DA  HOP2   H  N N 25  
DA  "H5'"  H  N N 26  
DA  "H5''" H  N N 27  
DA  "H4'"  H  N N 28  
DA  "H3'"  H  N N 29  
DA  "HO3'" H  N N 30  
DA  "H2'"  H  N N 31  
DA  "H2''" H  N N 32  
DA  "H1'"  H  N N 33  
DA  H8     H  N N 34  
DA  H61    H  N N 35  
DA  H62    H  N N 36  
DA  H2     H  N N 37  
DC  OP3    O  N N 38  
DC  P      P  N N 39  
DC  OP1    O  N N 40  
DC  OP2    O  N N 41  
DC  "O5'"  O  N N 42  
DC  "C5'"  C  N N 43  
DC  "C4'"  C  N R 44  
DC  "O4'"  O  N N 45  
DC  "C3'"  C  N S 46  
DC  "O3'"  O  N N 47  
DC  "C2'"  C  N N 48  
DC  "C1'"  C  N R 49  
DC  N1     N  N N 50  
DC  C2     C  N N 51  
DC  O2     O  N N 52  
DC  N3     N  N N 53  
DC  C4     C  N N 54  
DC  N4     N  N N 55  
DC  C5     C  N N 56  
DC  C6     C  N N 57  
DC  HOP3   H  N N 58  
DC  HOP2   H  N N 59  
DC  "H5'"  H  N N 60  
DC  "H5''" H  N N 61  
DC  "H4'"  H  N N 62  
DC  "H3'"  H  N N 63  
DC  "HO3'" H  N N 64  
DC  "H2'"  H  N N 65  
DC  "H2''" H  N N 66  
DC  "H1'"  H  N N 67  
DC  H41    H  N N 68  
DC  H42    H  N N 69  
DC  H5     H  N N 70  
DC  H6     H  N N 71  
DG  OP3    O  N N 72  
DG  P      P  N N 73  
DG  OP1    O  N N 74  
DG  OP2    O  N N 75  
DG  "O5'"  O  N N 76  
DG  "C5'"  C  N N 77  
DG  "C4'"  C  N R 78  
DG  "O4'"  O  N N 79  
DG  "C3'"  C  N S 80  
DG  "O3'"  O  N N 81  
DG  "C2'"  C  N N 82  
DG  "C1'"  C  N R 83  
DG  N9     N  Y N 84  
DG  C8     C  Y N 85  
DG  N7     N  Y N 86  
DG  C5     C  Y N 87  
DG  C6     C  N N 88  
DG  O6     O  N N 89  
DG  N1     N  N N 90  
DG  C2     C  N N 91  
DG  N2     N  N N 92  
DG  N3     N  N N 93  
DG  C4     C  Y N 94  
DG  HOP3   H  N N 95  
DG  HOP2   H  N N 96  
DG  "H5'"  H  N N 97  
DG  "H5''" H  N N 98  
DG  "H4'"  H  N N 99  
DG  "H3'"  H  N N 100 
DG  "HO3'" H  N N 101 
DG  "H2'"  H  N N 102 
DG  "H2''" H  N N 103 
DG  "H1'"  H  N N 104 
DG  H8     H  N N 105 
DG  H1     H  N N 106 
DG  H21    H  N N 107 
DG  H22    H  N N 108 
DI  OP3    O  N N 109 
DI  P      P  N N 110 
DI  OP1    O  N N 111 
DI  OP2    O  N N 112 
DI  "O5'"  O  N N 113 
DI  "C5'"  C  N N 114 
DI  "C4'"  C  N R 115 
DI  "O4'"  O  N N 116 
DI  "C3'"  C  N S 117 
DI  "O3'"  O  N N 118 
DI  "C2'"  C  N N 119 
DI  "C1'"  C  N R 120 
DI  N9     N  Y N 121 
DI  C8     C  Y N 122 
DI  N7     N  Y N 123 
DI  C5     C  Y N 124 
DI  C6     C  N N 125 
DI  O6     O  N N 126 
DI  N1     N  N N 127 
DI  C2     C  N N 128 
DI  N3     N  N N 129 
DI  C4     C  Y N 130 
DI  HOP3   H  N N 131 
DI  HOP2   H  N N 132 
DI  "H5'"  H  N N 133 
DI  "H5''" H  N N 134 
DI  "H4'"  H  N N 135 
DI  "H3'"  H  N N 136 
DI  "HO3'" H  N N 137 
DI  "H2'"  H  N N 138 
DI  "H2''" H  N N 139 
DI  "H1'"  H  N N 140 
DI  H8     H  N N 141 
DI  H1     H  N N 142 
DI  H2     H  N N 143 
DT  OP3    O  N N 144 
DT  P      P  N N 145 
DT  OP1    O  N N 146 
DT  OP2    O  N N 147 
DT  "O5'"  O  N N 148 
DT  "C5'"  C  N N 149 
DT  "C4'"  C  N R 150 
DT  "O4'"  O  N N 151 
DT  "C3'"  C  N S 152 
DT  "O3'"  O  N N 153 
DT  "C2'"  C  N N 154 
DT  "C1'"  C  N R 155 
DT  N1     N  N N 156 
DT  C2     C  N N 157 
DT  O2     O  N N 158 
DT  N3     N  N N 159 
DT  C4     C  N N 160 
DT  O4     O  N N 161 
DT  C5     C  N N 162 
DT  C7     C  N N 163 
DT  C6     C  N N 164 
DT  HOP3   H  N N 165 
DT  HOP2   H  N N 166 
DT  "H5'"  H  N N 167 
DT  "H5''" H  N N 168 
DT  "H4'"  H  N N 169 
DT  "H3'"  H  N N 170 
DT  "HO3'" H  N N 171 
DT  "H2'"  H  N N 172 
DT  "H2''" H  N N 173 
DT  "H1'"  H  N N 174 
DT  H3     H  N N 175 
DT  H71    H  N N 176 
DT  H72    H  N N 177 
DT  H73    H  N N 178 
DT  H6     H  N N 179 
HOH O      O  N N 180 
HOH H1     H  N N 181 
HOH H2     H  N N 182 
RKL RU     RU N N 183 
RKL C1     C  Y N 184 
RKL N1     N  Y N 185 
RKL C2     C  Y N 186 
RKL N2     N  Y N 187 
RKL C3     C  Y N 188 
RKL N3     N  Y N 189 
RKL C4     C  Y N 190 
RKL N4     N  Y N 191 
RKL C5     C  Y N 192 
RKL N5     N  Y N 193 
RKL C6     C  Y N 194 
RKL N6     N  Y N 195 
RKL C7     C  Y N 196 
RKL N7     N  Y N 197 
RKL C8     C  Y N 198 
RKL N8     N  Y N 199 
RKL C9     C  Y N 200 
RKL N9     N  Y N 201 
RKL C10    C  Y N 202 
RKL N10    N  Y N 203 
RKL C11    C  Y N 204 
RKL N11    N  Y N 205 
RKL C12    C  Y N 206 
RKL N12    N  Y N 207 
RKL C13    C  Y N 208 
RKL C14    C  Y N 209 
RKL C15    C  Y N 210 
RKL C16    C  Y N 211 
RKL C17    C  Y N 212 
RKL C18    C  Y N 213 
RKL C19    C  Y N 214 
RKL C20    C  Y N 215 
RKL C21    C  Y N 216 
RKL C22    C  Y N 217 
RKL C23    C  Y N 218 
RKL C24    C  Y N 219 
RKL C25    C  Y N 220 
RKL C26    C  Y N 221 
RKL C27    C  Y N 222 
RKL C28    C  Y N 223 
RKL C29    C  Y N 224 
RKL C30    C  Y N 225 
RKL C31    C  Y N 226 
RKL C32    C  Y N 227 
RKL C33    C  Y N 228 
RKL C34    C  Y N 229 
RKL C35    C  Y N 230 
RKL C36    C  Y N 231 
RKL C37    C  Y N 232 
RKL C38    C  Y N 233 
RKL H2     H  N N 234 
RKL H3     H  N N 235 
RKL H4     H  N N 236 
RKL H9     H  N N 237 
RKL H11    H  N N 238 
RKL H12    H  N N 239 
RKL H14    H  N N 240 
RKL H16    H  N N 241 
RKL H17    H  N N 242 
RKL H18    H  N N 243 
RKL H20    H  N N 244 
RKL H21    H  N N 245 
RKL H23    H  N N 246 
RKL H24    H  N N 247 
RKL H27    H  N N 248 
RKL H28    H  N N 249 
RKL H30    H  N N 250 
RKL H31    H  N N 251 
RKL H33    H  N N 252 
RKL H34    H  N N 253 
RKL H37    H  N N 254 
RKL H38    H  N N 255 
# 
loop_
_chem_comp_bond.comp_id 
_chem_comp_bond.atom_id_1 
_chem_comp_bond.atom_id_2 
_chem_comp_bond.value_order 
_chem_comp_bond.pdbx_aromatic_flag 
_chem_comp_bond.pdbx_stereo_config 
_chem_comp_bond.pdbx_ordinal 
DA  OP3   P      sing N N 1   
DA  OP3   HOP3   sing N N 2   
DA  P     OP1    doub N N 3   
DA  P     OP2    sing N N 4   
DA  P     "O5'"  sing N N 5   
DA  OP2   HOP2   sing N N 6   
DA  "O5'" "C5'"  sing N N 7   
DA  "C5'" "C4'"  sing N N 8   
DA  "C5'" "H5'"  sing N N 9   
DA  "C5'" "H5''" sing N N 10  
DA  "C4'" "O4'"  sing N N 11  
DA  "C4'" "C3'"  sing N N 12  
DA  "C4'" "H4'"  sing N N 13  
DA  "O4'" "C1'"  sing N N 14  
DA  "C3'" "O3'"  sing N N 15  
DA  "C3'" "C2'"  sing N N 16  
DA  "C3'" "H3'"  sing N N 17  
DA  "O3'" "HO3'" sing N N 18  
DA  "C2'" "C1'"  sing N N 19  
DA  "C2'" "H2'"  sing N N 20  
DA  "C2'" "H2''" sing N N 21  
DA  "C1'" N9     sing N N 22  
DA  "C1'" "H1'"  sing N N 23  
DA  N9    C8     sing Y N 24  
DA  N9    C4     sing Y N 25  
DA  C8    N7     doub Y N 26  
DA  C8    H8     sing N N 27  
DA  N7    C5     sing Y N 28  
DA  C5    C6     sing Y N 29  
DA  C5    C4     doub Y N 30  
DA  C6    N6     sing N N 31  
DA  C6    N1     doub Y N 32  
DA  N6    H61    sing N N 33  
DA  N6    H62    sing N N 34  
DA  N1    C2     sing Y N 35  
DA  C2    N3     doub Y N 36  
DA  C2    H2     sing N N 37  
DA  N3    C4     sing Y N 38  
DC  OP3   P      sing N N 39  
DC  OP3   HOP3   sing N N 40  
DC  P     OP1    doub N N 41  
DC  P     OP2    sing N N 42  
DC  P     "O5'"  sing N N 43  
DC  OP2   HOP2   sing N N 44  
DC  "O5'" "C5'"  sing N N 45  
DC  "C5'" "C4'"  sing N N 46  
DC  "C5'" "H5'"  sing N N 47  
DC  "C5'" "H5''" sing N N 48  
DC  "C4'" "O4'"  sing N N 49  
DC  "C4'" "C3'"  sing N N 50  
DC  "C4'" "H4'"  sing N N 51  
DC  "O4'" "C1'"  sing N N 52  
DC  "C3'" "O3'"  sing N N 53  
DC  "C3'" "C2'"  sing N N 54  
DC  "C3'" "H3'"  sing N N 55  
DC  "O3'" "HO3'" sing N N 56  
DC  "C2'" "C1'"  sing N N 57  
DC  "C2'" "H2'"  sing N N 58  
DC  "C2'" "H2''" sing N N 59  
DC  "C1'" N1     sing N N 60  
DC  "C1'" "H1'"  sing N N 61  
DC  N1    C2     sing N N 62  
DC  N1    C6     sing N N 63  
DC  C2    O2     doub N N 64  
DC  C2    N3     sing N N 65  
DC  N3    C4     doub N N 66  
DC  C4    N4     sing N N 67  
DC  C4    C5     sing N N 68  
DC  N4    H41    sing N N 69  
DC  N4    H42    sing N N 70  
DC  C5    C6     doub N N 71  
DC  C5    H5     sing N N 72  
DC  C6    H6     sing N N 73  
DG  OP3   P      sing N N 74  
DG  OP3   HOP3   sing N N 75  
DG  P     OP1    doub N N 76  
DG  P     OP2    sing N N 77  
DG  P     "O5'"  sing N N 78  
DG  OP2   HOP2   sing N N 79  
DG  "O5'" "C5'"  sing N N 80  
DG  "C5'" "C4'"  sing N N 81  
DG  "C5'" "H5'"  sing N N 82  
DG  "C5'" "H5''" sing N N 83  
DG  "C4'" "O4'"  sing N N 84  
DG  "C4'" "C3'"  sing N N 85  
DG  "C4'" "H4'"  sing N N 86  
DG  "O4'" "C1'"  sing N N 87  
DG  "C3'" "O3'"  sing N N 88  
DG  "C3'" "C2'"  sing N N 89  
DG  "C3'" "H3'"  sing N N 90  
DG  "O3'" "HO3'" sing N N 91  
DG  "C2'" "C1'"  sing N N 92  
DG  "C2'" "H2'"  sing N N 93  
DG  "C2'" "H2''" sing N N 94  
DG  "C1'" N9     sing N N 95  
DG  "C1'" "H1'"  sing N N 96  
DG  N9    C8     sing Y N 97  
DG  N9    C4     sing Y N 98  
DG  C8    N7     doub Y N 99  
DG  C8    H8     sing N N 100 
DG  N7    C5     sing Y N 101 
DG  C5    C6     sing N N 102 
DG  C5    C4     doub Y N 103 
DG  C6    O6     doub N N 104 
DG  C6    N1     sing N N 105 
DG  N1    C2     sing N N 106 
DG  N1    H1     sing N N 107 
DG  C2    N2     sing N N 108 
DG  C2    N3     doub N N 109 
DG  N2    H21    sing N N 110 
DG  N2    H22    sing N N 111 
DG  N3    C4     sing N N 112 
DI  OP3   P      sing N N 113 
DI  OP3   HOP3   sing N N 114 
DI  P     OP1    doub N N 115 
DI  P     OP2    sing N N 116 
DI  P     "O5'"  sing N N 117 
DI  OP2   HOP2   sing N N 118 
DI  "O5'" "C5'"  sing N N 119 
DI  "C5'" "C4'"  sing N N 120 
DI  "C5'" "H5'"  sing N N 121 
DI  "C5'" "H5''" sing N N 122 
DI  "C4'" "O4'"  sing N N 123 
DI  "C4'" "C3'"  sing N N 124 
DI  "C4'" "H4'"  sing N N 125 
DI  "O4'" "C1'"  sing N N 126 
DI  "C3'" "O3'"  sing N N 127 
DI  "C3'" "C2'"  sing N N 128 
DI  "C3'" "H3'"  sing N N 129 
DI  "O3'" "HO3'" sing N N 130 
DI  "C2'" "C1'"  sing N N 131 
DI  "C2'" "H2'"  sing N N 132 
DI  "C2'" "H2''" sing N N 133 
DI  "C1'" N9     sing N N 134 
DI  "C1'" "H1'"  sing N N 135 
DI  N9    C8     sing Y N 136 
DI  N9    C4     sing Y N 137 
DI  C8    N7     doub Y N 138 
DI  C8    H8     sing N N 139 
DI  N7    C5     sing Y N 140 
DI  C5    C6     sing N N 141 
DI  C5    C4     doub Y N 142 
DI  C6    O6     doub N N 143 
DI  C6    N1     sing N N 144 
DI  N1    C2     sing N N 145 
DI  N1    H1     sing N N 146 
DI  C2    N3     doub N N 147 
DI  C2    H2     sing N N 148 
DI  N3    C4     sing N N 149 
DT  OP3   P      sing N N 150 
DT  OP3   HOP3   sing N N 151 
DT  P     OP1    doub N N 152 
DT  P     OP2    sing N N 153 
DT  P     "O5'"  sing N N 154 
DT  OP2   HOP2   sing N N 155 
DT  "O5'" "C5'"  sing N N 156 
DT  "C5'" "C4'"  sing N N 157 
DT  "C5'" "H5'"  sing N N 158 
DT  "C5'" "H5''" sing N N 159 
DT  "C4'" "O4'"  sing N N 160 
DT  "C4'" "C3'"  sing N N 161 
DT  "C4'" "H4'"  sing N N 162 
DT  "O4'" "C1'"  sing N N 163 
DT  "C3'" "O3'"  sing N N 164 
DT  "C3'" "C2'"  sing N N 165 
DT  "C3'" "H3'"  sing N N 166 
DT  "O3'" "HO3'" sing N N 167 
DT  "C2'" "C1'"  sing N N 168 
DT  "C2'" "H2'"  sing N N 169 
DT  "C2'" "H2''" sing N N 170 
DT  "C1'" N1     sing N N 171 
DT  "C1'" "H1'"  sing N N 172 
DT  N1    C2     sing N N 173 
DT  N1    C6     sing N N 174 
DT  C2    O2     doub N N 175 
DT  C2    N3     sing N N 176 
DT  N3    C4     sing N N 177 
DT  N3    H3     sing N N 178 
DT  C4    O4     doub N N 179 
DT  C4    C5     sing N N 180 
DT  C5    C7     sing N N 181 
DT  C5    C6     doub N N 182 
DT  C7    H71    sing N N 183 
DT  C7    H72    sing N N 184 
DT  C7    H73    sing N N 185 
DT  C6    H6     sing N N 186 
HOH O     H1     sing N N 187 
HOH O     H2     sing N N 188 
RKL RU    N1     sing N N 189 
RKL RU    N2     sing N N 190 
RKL RU    N5     sing N N 191 
RKL RU    N8     sing N N 192 
RKL RU    N9     sing N N 193 
RKL RU    N12    sing N N 194 
RKL C1    N2     doub Y N 195 
RKL C1    C5     sing Y N 196 
RKL C1    C10    sing Y N 197 
RKL N1    C10    doub Y N 198 
RKL N1    C12    sing Y N 199 
RKL C2    N2     sing Y N 200 
RKL C2    C3     doub Y N 201 
RKL C2    H2     sing N N 202 
RKL C3    C4     sing Y N 203 
RKL C3    H3     sing N N 204 
RKL N3    C6     doub Y N 205 
RKL N3    C15    sing Y N 206 
RKL C4    C5     doub Y N 207 
RKL C4    H4     sing N N 208 
RKL N4    C7     doub Y N 209 
RKL N4    C13    sing Y N 210 
RKL C5    C6     sing Y N 211 
RKL N5    C19    doub Y N 212 
RKL N5    C20    sing Y N 213 
RKL C6    C7     sing Y N 214 
RKL N6    C21    sing Y N 215 
RKL N6    C22    doub Y N 216 
RKL C7    C8     sing Y N 217 
RKL N7    C25    doub Y N 218 
RKL N7    C27    sing Y N 219 
RKL C8    C9     doub Y N 220 
RKL C8    C10    sing Y N 221 
RKL N8    C26    doub Y N 222 
RKL N8    C28    sing Y N 223 
RKL C9    C11    sing Y N 224 
RKL C9    H9     sing N N 225 
RKL N9    C29    doub Y N 226 
RKL N9    C30    sing Y N 227 
RKL N10   C31    sing Y N 228 
RKL N10   C32    doub Y N 229 
RKL C11   C12    doub Y N 230 
RKL C11   H11    sing N N 231 
RKL N11   C35    doub Y N 232 
RKL N11   C37    sing Y N 233 
RKL C12   H12    sing N N 234 
RKL N12   C36    doub Y N 235 
RKL N12   C38    sing Y N 236 
RKL C13   C14    sing Y N 237 
RKL C13   C15    doub Y N 238 
RKL C14   C18    doub Y N 239 
RKL C14   H14    sing N N 240 
RKL C15   C16    sing Y N 241 
RKL C16   C17    doub Y N 242 
RKL C16   H16    sing N N 243 
RKL C17   C18    sing Y N 244 
RKL C17   H17    sing N N 245 
RKL C18   H18    sing N N 246 
RKL C19   C22    sing Y N 247 
RKL C19   C26    sing Y N 248 
RKL C20   C21    doub Y N 249 
RKL C20   H20    sing N N 250 
RKL C21   H21    sing N N 251 
RKL C22   C23    sing Y N 252 
RKL C23   C24    doub Y N 253 
RKL C23   H23    sing N N 254 
RKL C24   C25    sing Y N 255 
RKL C24   H24    sing N N 256 
RKL C25   C26    sing Y N 257 
RKL C27   C28    doub Y N 258 
RKL C27   H27    sing N N 259 
RKL C28   H28    sing N N 260 
RKL C29   C32    sing Y N 261 
RKL C29   C36    sing Y N 262 
RKL C30   C31    doub Y N 263 
RKL C30   H30    sing N N 264 
RKL C31   H31    sing N N 265 
RKL C32   C33    sing Y N 266 
RKL C33   C34    doub Y N 267 
RKL C33   H33    sing N N 268 
RKL C34   C35    sing Y N 269 
RKL C34   H34    sing N N 270 
RKL C35   C36    sing Y N 271 
RKL C37   C38    doub Y N 272 
RKL C37   H37    sing N N 273 
RKL C38   H38    sing N N 274 
# 
_ndb_struct_conf_na.entry_id   4RE7 
_ndb_struct_conf_na.feature    'double helix' 
# 
loop_
_ndb_struct_na_base_pair.model_number 
_ndb_struct_na_base_pair.i_label_asym_id 
_ndb_struct_na_base_pair.i_label_comp_id 
_ndb_struct_na_base_pair.i_label_seq_id 
_ndb_struct_na_base_pair.i_symmetry 
_ndb_struct_na_base_pair.j_label_asym_id 
_ndb_struct_na_base_pair.j_label_comp_id 
_ndb_struct_na_base_pair.j_label_seq_id 
_ndb_struct_na_base_pair.j_symmetry 
_ndb_struct_na_base_pair.shear 
_ndb_struct_na_base_pair.stretch 
_ndb_struct_na_base_pair.stagger 
_ndb_struct_na_base_pair.buckle 
_ndb_struct_na_base_pair.propeller 
_ndb_struct_na_base_pair.opening 
_ndb_struct_na_base_pair.pair_number 
_ndb_struct_na_base_pair.pair_name 
_ndb_struct_na_base_pair.i_auth_asym_id 
_ndb_struct_na_base_pair.i_auth_seq_id 
_ndb_struct_na_base_pair.i_PDB_ins_code 
_ndb_struct_na_base_pair.j_auth_asym_id 
_ndb_struct_na_base_pair.j_auth_seq_id 
_ndb_struct_na_base_pair.j_PDB_ins_code 
_ndb_struct_na_base_pair.hbond_type_28 
_ndb_struct_na_base_pair.hbond_type_12 
1 A DT 1  1_555 A DA 10 7_554 -0.040 -0.159 -0.069 -14.457 9.389  9.915  1  A_DT1:DA10_A A 1  ? A 10 ? 20 1 
1 A DC 2  1_555 A DG 9  7_554 0.622  0.201  0.185  -17.049 8.720  1.636  2  A_DC2:DG9_A  A 2  ? A 9  ? 19 1 
1 A DI 3  1_555 A DC 8  7_554 0.015  -0.086 0.138  30.845  -6.081 1.276  3  A_DI3:DC8_A  A 3  ? A 8  ? ?  1 
1 A DG 4  1_555 A DC 7  7_554 -0.500 -0.043 -0.107 -10.262 1.773  4.378  4  A_DG4:DC7_A  A 4  ? A 7  ? 19 1 
1 A DC 5  1_555 A DG 6  7_554 0.072  -0.277 0.671  1.527   -4.127 -1.900 5  A_DC5:DG6_A  A 5  ? A 6  ? 19 1 
1 A DG 6  1_555 A DC 5  7_554 -0.072 -0.277 0.671  -1.527  -4.127 -1.900 6  A_DG6:DC5_A  A 6  ? A 5  ? 19 1 
1 A DC 7  1_555 A DG 4  7_554 0.500  -0.043 -0.107 10.262  1.773  4.378  7  A_DC7:DG4_A  A 7  ? A 4  ? 19 1 
1 A DC 8  1_555 A DI 3  7_554 -0.015 -0.086 0.138  -30.845 -6.081 1.276  8  A_DC8:DI3_A  A 8  ? A 3  ? ?  1 
1 A DG 9  1_555 A DC 2  7_554 -0.622 0.201  0.185  17.049  8.720  1.636  9  A_DG9:DC2_A  A 9  ? A 2  ? 19 1 
1 A DA 10 1_555 A DT 1  7_554 0.040  -0.159 -0.069 14.457  9.389  9.915  10 A_DA10:DT1_A A 10 ? A 1  ? 20 1 
# 
loop_
_ndb_struct_na_base_pair_step.model_number 
_ndb_struct_na_base_pair_step.i_label_asym_id_1 
_ndb_struct_na_base_pair_step.i_label_comp_id_1 
_ndb_struct_na_base_pair_step.i_label_seq_id_1 
_ndb_struct_na_base_pair_step.i_symmetry_1 
_ndb_struct_na_base_pair_step.j_label_asym_id_1 
_ndb_struct_na_base_pair_step.j_label_comp_id_1 
_ndb_struct_na_base_pair_step.j_label_seq_id_1 
_ndb_struct_na_base_pair_step.j_symmetry_1 
_ndb_struct_na_base_pair_step.i_label_asym_id_2 
_ndb_struct_na_base_pair_step.i_label_comp_id_2 
_ndb_struct_na_base_pair_step.i_label_seq_id_2 
_ndb_struct_na_base_pair_step.i_symmetry_2 
_ndb_struct_na_base_pair_step.j_label_asym_id_2 
_ndb_struct_na_base_pair_step.j_label_comp_id_2 
_ndb_struct_na_base_pair_step.j_label_seq_id_2 
_ndb_struct_na_base_pair_step.j_symmetry_2 
_ndb_struct_na_base_pair_step.shift 
_ndb_struct_na_base_pair_step.slide 
_ndb_struct_na_base_pair_step.rise 
_ndb_struct_na_base_pair_step.tilt 
_ndb_struct_na_base_pair_step.roll 
_ndb_struct_na_base_pair_step.twist 
_ndb_struct_na_base_pair_step.x_displacement 
_ndb_struct_na_base_pair_step.y_displacement 
_ndb_struct_na_base_pair_step.helical_rise 
_ndb_struct_na_base_pair_step.inclination 
_ndb_struct_na_base_pair_step.tip 
_ndb_struct_na_base_pair_step.helical_twist 
_ndb_struct_na_base_pair_step.step_number 
_ndb_struct_na_base_pair_step.step_name 
_ndb_struct_na_base_pair_step.i_auth_asym_id_1 
_ndb_struct_na_base_pair_step.i_auth_seq_id_1 
_ndb_struct_na_base_pair_step.i_PDB_ins_code_1 
_ndb_struct_na_base_pair_step.j_auth_asym_id_1 
_ndb_struct_na_base_pair_step.j_auth_seq_id_1 
_ndb_struct_na_base_pair_step.j_PDB_ins_code_1 
_ndb_struct_na_base_pair_step.i_auth_asym_id_2 
_ndb_struct_na_base_pair_step.i_auth_seq_id_2 
_ndb_struct_na_base_pair_step.i_PDB_ins_code_2 
_ndb_struct_na_base_pair_step.j_auth_asym_id_2 
_ndb_struct_na_base_pair_step.j_auth_seq_id_2 
_ndb_struct_na_base_pair_step.j_PDB_ins_code_2 
1 A DT 1 1_555 A DA 10 7_554 A DC 2  1_555 A DG 9 7_554 -0.964 0.923 7.227 6.733  -12.200 28.693 6.430  4.377  5.984 -22.984 
-12.685 31.833 1 AA_DT1DC2:DG9DA10_AA A 1 ? A 10 ? A 2  ? A 9 ? 
1 A DC 2 1_555 A DG 9  7_554 A DI 3  1_555 A DC 8 7_554 0.242  1.532 2.332 2.809  8.812   19.976 1.245  0.248  2.759 23.823  
-7.594  21.994 2 AA_DC2DI3:DC8DG9_AA  A 2 ? A 9  ? A 3  ? A 8 ? 
1 A DI 3 1_555 A DC 8  7_554 A DG 4  1_555 A DC 7 7_554 0.324  0.728 5.140 -0.532 49.908  13.390 -5.465 -0.440 2.076 75.931  0.810 
51.565 3 AA_DI3DG4:DC7DC8_AA  A 3 ? A 8  ? A 4  ? A 7 ? 
1 A DG 4 1_555 A DC 7  7_554 A DC 5  1_555 A DG 6 7_554 -1.007 0.266 3.115 -5.619 -1.865  36.503 0.665  0.852  3.213 -2.954  8.898 
36.964 4 AA_DG4DC5:DG6DC7_AA  A 4 ? A 7  ? A 5  ? A 6 ? 
1 A DC 5 1_555 A DG 6  7_554 A DG 6  1_555 A DC 5 7_554 0.000  0.794 4.569 0.000  39.224  23.779 -4.447 0.000  3.100 59.964  0.000 
45.625 5 AA_DC5DG6:DC5DG6_AA  A 5 ? A 6  ? A 6  ? A 5 ? 
1 A DG 6 1_555 A DC 5  7_554 A DC 7  1_555 A DG 4 7_554 1.007  0.266 3.115 5.619  -1.865  36.503 0.665  -0.852 3.213 -2.954  
-8.898  36.964 6 AA_DG6DC7:DG4DC5_AA  A 6 ? A 5  ? A 7  ? A 4 ? 
1 A DC 7 1_555 A DG 4  7_554 A DC 8  1_555 A DI 3 7_554 -0.324 0.728 5.140 0.532  49.908  13.390 -5.465 0.440  2.076 75.931  
-0.810  51.565 7 AA_DC7DC8:DI3DG4_AA  A 7 ? A 4  ? A 8  ? A 3 ? 
1 A DC 8 1_555 A DI 3  7_554 A DG 9  1_555 A DC 2 7_554 -0.242 1.532 2.332 -2.809 8.812   19.976 1.245  -0.248 2.759 23.823  7.594 
21.994 8 AA_DC8DG9:DC2DI3_AA  A 8 ? A 3  ? A 9  ? A 2 ? 
1 A DG 9 1_555 A DC 2  7_554 A DA 10 1_555 A DT 1 7_554 0.964  0.923 7.227 -6.733 -12.200 28.693 6.430  -4.377 5.984 -22.984 
12.685  31.833 9 AA_DG9DA10:DT1DC2_AA A 9 ? A 2  ? A 10 ? A 1 ? 
# 
_atom_sites.entry_id                    4RE7 
_atom_sites.fract_transf_matrix[1][1]   0.01985131 
_atom_sites.fract_transf_matrix[1][2]   0.00132542 
_atom_sites.fract_transf_matrix[1][3]   0.00642428 
_atom_sites.fract_transf_matrix[2][1]   0.00233831 
_atom_sites.fract_transf_matrix[2][2]   -0.02056048 
_atom_sites.fract_transf_matrix[2][3]   -0.00298357 
_atom_sites.fract_transf_matrix[3][1]   0.00912922 
_atom_sites.fract_transf_matrix[3][2]   0.00529019 
_atom_sites.fract_transf_matrix[3][3]   -0.02930115 
_atom_sites.fract_transf_vector[1]      0.175287 
_atom_sites.fract_transf_vector[2]      0.267523 
_atom_sites.fract_transf_vector[3]      -0.598290 
# 
loop_
_atom_type.symbol 
BA 
C  
N  
O  
P  
RU 
# 
loop_
_atom_site.group_PDB 
_atom_site.id 
_atom_site.type_symbol 
_atom_site.label_atom_id 
_atom_site.label_alt_id 
_atom_site.label_comp_id 
_atom_site.label_asym_id 
_atom_site.label_entity_id 
_atom_site.label_seq_id 
_atom_site.pdbx_PDB_ins_code 
_atom_site.Cartn_x 
_atom_site.Cartn_y 
_atom_site.Cartn_z 
_atom_site.occupancy 
_atom_site.B_iso_or_equiv 
_atom_site.pdbx_formal_charge 
_atom_site.auth_seq_id 
_atom_site.auth_comp_id 
_atom_site.auth_asym_id 
_atom_site.auth_atom_id 
_atom_site.pdbx_PDB_model_num 
ATOM   1   O  "O5'" . DT  A 1 1  ? 14.354  1.531   -10.183 1.00 112.12 ? 1   DT  A "O5'" 1 
ATOM   2   C  "C5'" . DT  A 1 1  ? 15.329  1.600   -11.218 1.00 115.70 ? 1   DT  A "C5'" 1 
ATOM   3   C  "C4'" . DT  A 1 1  ? 16.723  1.389   -10.658 1.00 97.49  ? 1   DT  A "C4'" 1 
ATOM   4   O  "O4'" . DT  A 1 1  ? 17.709  1.814   -11.623 1.00 98.26  ? 1   DT  A "O4'" 1 
ATOM   5   C  "C3'" . DT  A 1 1  ? 17.025  2.182   -9.401  1.00 89.63  ? 1   DT  A "C3'" 1 
ATOM   6   O  "O3'" . DT  A 1 1  ? 17.909  1.457   -8.561  1.00 81.18  ? 1   DT  A "O3'" 1 
ATOM   7   C  "C2'" . DT  A 1 1  ? 17.663  3.475   -9.920  1.00 107.25 ? 1   DT  A "C2'" 1 
ATOM   8   C  "C1'" . DT  A 1 1  ? 18.099  3.145   -11.356 1.00 106.25 ? 1   DT  A "C1'" 1 
ATOM   9   N  N1    . DT  A 1 1  ? 17.495  4.042   -12.419 1.00 106.95 ? 1   DT  A N1    1 
ATOM   10  C  C2    . DT  A 1 1  ? 17.534  5.420   -12.279 1.00 108.07 ? 1   DT  A C2    1 
ATOM   11  O  O2    . DT  A 1 1  ? 18.027  5.992   -11.324 1.00 116.75 ? 1   DT  A O2    1 
ATOM   12  N  N3    . DT  A 1 1  ? 16.961  6.115   -13.311 1.00 97.48  ? 1   DT  A N3    1 
ATOM   13  C  C4    . DT  A 1 1  ? 16.373  5.594   -14.447 1.00 99.06  ? 1   DT  A C4    1 
ATOM   14  O  O4    . DT  A 1 1  ? 15.887  6.307   -15.318 1.00 97.95  ? 1   DT  A O4    1 
ATOM   15  C  C5    . DT  A 1 1  ? 16.371  4.155   -14.538 1.00 106.12 ? 1   DT  A C5    1 
ATOM   16  C  C7    . DT  A 1 1  ? 15.760  3.475   -15.727 1.00 110.20 ? 1   DT  A C7    1 
ATOM   17  C  C6    . DT  A 1 1  ? 16.930  3.460   -13.537 1.00 106.22 ? 1   DT  A C6    1 
ATOM   18  P  P     . DC  A 1 2  ? 17.334  0.686   -7.275  1.00 115.01 ? 2   DC  A P     1 
ATOM   19  O  OP1   . DC  A 1 2  ? 18.486  0.117   -6.540  1.00 110.02 ? 2   DC  A OP1   1 
ATOM   20  O  OP2   . DC  A 1 2  ? 16.239  -0.197  -7.736  1.00 106.43 ? 2   DC  A OP2   1 
ATOM   21  O  "O5'" . DC  A 1 2  ? 16.674  1.844   -6.389  1.00 70.26  ? 2   DC  A "O5'" 1 
ATOM   22  C  "C5'" . DC  A 1 2  ? 15.742  1.511   -5.363  1.00 63.16  ? 2   DC  A "C5'" 1 
ATOM   23  C  "C4'" . DC  A 1 2  ? 15.401  2.728   -4.524  1.00 61.80  ? 2   DC  A "C4'" 1 
ATOM   24  O  "O4'" . DC  A 1 2  ? 15.240  3.871   -5.386  1.00 65.18  ? 2   DC  A "O4'" 1 
ATOM   25  C  "C3'" . DC  A 1 2  ? 14.097  2.626   -3.757  1.00 60.22  ? 2   DC  A "C3'" 1 
ATOM   26  O  "O3'" . DC  A 1 2  ? 14.327  2.020   -2.494  1.00 59.89  ? 2   DC  A "O3'" 1 
ATOM   27  C  "C2'" . DC  A 1 2  ? 13.672  4.088   -3.606  1.00 59.48  ? 2   DC  A "C2'" 1 
ATOM   28  C  "C1'" . DC  A 1 2  ? 14.291  4.764   -4.835  1.00 60.71  ? 2   DC  A "C1'" 1 
ATOM   29  N  N1    . DC  A 1 2  ? 13.305  5.115   -5.900  1.00 64.58  ? 2   DC  A N1    1 
ATOM   30  C  C2    . DC  A 1 2  ? 13.116  6.455   -6.254  1.00 61.14  ? 2   DC  A C2    1 
ATOM   31  O  O2    . DC  A 1 2  ? 13.764  7.330   -5.672  1.00 61.28  ? 2   DC  A O2    1 
ATOM   32  N  N3    . DC  A 1 2  ? 12.224  6.756   -7.228  1.00 66.08  ? 2   DC  A N3    1 
ATOM   33  C  C4    . DC  A 1 2  ? 11.543  5.784   -7.834  1.00 71.57  ? 2   DC  A C4    1 
ATOM   34  N  N4    . DC  A 1 2  ? 10.673  6.131   -8.786  1.00 98.56  ? 2   DC  A N4    1 
ATOM   35  C  C5    . DC  A 1 2  ? 11.724  4.413   -7.490  1.00 73.57  ? 2   DC  A C5    1 
ATOM   36  C  C6    . DC  A 1 2  ? 12.607  4.127   -6.529  1.00 71.36  ? 2   DC  A C6    1 
ATOM   37  P  P     . DI  A 1 3  ? 13.088  1.549   -1.588  1.00 66.64  ? 3   DI  A P     1 
ATOM   38  O  OP1   . DI  A 1 3  ? 13.593  0.503   -0.626  1.00 59.35  ? 3   DI  A OP1   1 
ATOM   39  O  OP2   . DI  A 1 3  ? 11.938  1.234   -2.517  1.00 75.78  ? 3   DI  A OP2   1 
ATOM   40  O  "O5'" . DI  A 1 3  ? 12.703  2.864   -0.744  1.00 76.79  ? 3   DI  A "O5'" 1 
ATOM   41  C  "C5'" . DI  A 1 3  ? 13.652  3.445   0.149   1.00 66.31  ? 3   DI  A "C5'" 1 
ATOM   42  C  "C4'" . DI  A 1 3  ? 13.169  4.813   0.613   1.00 62.38  ? 3   DI  A "C4'" 1 
ATOM   43  O  "O4'" . DI  A 1 3  ? 13.104  5.711   -0.496  1.00 58.85  ? 3   DI  A "O4'" 1 
ATOM   44  C  "C3'" . DI  A 1 3  ? 11.772  4.737   1.207   1.00 71.23  ? 3   DI  A "C3'" 1 
ATOM   45  O  "O3'" . DI  A 1 3  ? 11.817  4.783   2.636   1.00 75.15  ? 3   DI  A "O3'" 1 
ATOM   46  C  "C2'" . DI  A 1 3  ? 11.015  5.925   0.640   1.00 58.57  ? 3   DI  A "C2'" 1 
ATOM   47  C  "C1'" . DI  A 1 3  ? 11.873  6.437   -0.509  1.00 58.31  ? 3   DI  A "C1'" 1 
ATOM   48  N  N9    . DI  A 1 3  ? 11.148  6.185   -1.782  1.00 66.47  ? 3   DI  A N9    1 
ATOM   49  C  C8    . DI  A 1 3  ? 10.451  5.069   -2.063  1.00 61.99  ? 3   DI  A C8    1 
ATOM   50  N  N7    . DI  A 1 3  ? 9.895   5.133   -3.299  1.00 83.60  ? 3   DI  A N7    1 
ATOM   51  C  C5    . DI  A 1 3  ? 10.232  6.320   -3.832  1.00 58.03  ? 3   DI  A C5    1 
ATOM   52  C  C6    . DI  A 1 3  ? 9.973   7.024   -5.108  1.00 58.98  ? 3   DI  A C6    1 
ATOM   53  O  O6    . DI  A 1 3  ? 9.282   6.495   -6.004  1.00 73.72  ? 3   DI  A O6    1 
ATOM   54  N  N1    . DI  A 1 3  ? 10.504  8.240   -5.271  1.00 61.13  ? 3   DI  A N1    1 
ATOM   55  C  C2    . DI  A 1 3  ? 11.249  8.822   -4.314  1.00 59.71  ? 3   DI  A C2    1 
ATOM   56  N  N3    . DI  A 1 3  ? 11.526  8.245   -3.131  1.00 59.03  ? 3   DI  A N3    1 
ATOM   57  C  C4    . DI  A 1 3  ? 11.052  7.014   -2.828  1.00 58.78  ? 3   DI  A C4    1 
ATOM   58  P  P     . DG  A 1 4  ? 10.919  3.766   3.499   1.00 66.51  ? 4   DG  A P     1 
ATOM   59  O  OP1   . DG  A 1 4  ? 11.503  3.676   4.855   1.00 76.08  ? 4   DG  A OP1   1 
ATOM   60  O  OP2   . DG  A 1 4  ? 10.732  2.542   2.691   1.00 77.48  ? 4   DG  A OP2   1 
ATOM   61  O  "O5'" . DG  A 1 4  ? 9.506   4.499   3.596   1.00 68.25  ? 4   DG  A "O5'" 1 
ATOM   62  C  "C5'" . DG  A 1 4  ? 9.432   5.820   4.104   1.00 62.36  ? 4   DG  A "C5'" 1 
ATOM   63  C  "C4'" . DG  A 1 4  ? 8.093   6.447   3.779   1.00 60.87  ? 4   DG  A "C4'" 1 
ATOM   64  O  "O4'" . DG  A 1 4  ? 7.967   6.610   2.342   1.00 73.97  ? 4   DG  A "O4'" 1 
ATOM   65  C  "C3'" . DG  A 1 4  ? 6.877   5.635   4.225   1.00 59.88  ? 4   DG  A "C3'" 1 
ATOM   66  O  "O3'" . DG  A 1 4  ? 5.926   6.497   4.825   1.00 79.10  ? 4   DG  A "O3'" 1 
ATOM   67  C  "C2'" . DG  A 1 4  ? 6.349   5.042   2.918   1.00 58.74  ? 4   DG  A "C2'" 1 
ATOM   68  C  "C1'" . DG  A 1 4  ? 6.709   6.137   1.929   1.00 59.30  ? 4   DG  A "C1'" 1 
ATOM   69  N  N9    . DG  A 1 4  ? 6.816   5.672   0.549   1.00 57.16  ? 4   DG  A N9    1 
ATOM   70  C  C8    . DG  A 1 4  ? 7.458   4.544   0.102   1.00 56.49  ? 4   DG  A C8    1 
ATOM   71  N  N7    . DG  A 1 4  ? 7.388   4.384   -1.191  1.00 66.66  ? 4   DG  A N7    1 
ATOM   72  C  C5    . DG  A 1 4  ? 6.655   5.479   -1.630  1.00 56.72  ? 4   DG  A C5    1 
ATOM   73  C  C6    . DG  A 1 4  ? 6.260   5.846   -2.938  1.00 63.47  ? 4   DG  A C6    1 
ATOM   74  O  O6    . DG  A 1 4  ? 6.486   5.257   -4.003  1.00 87.79  ? 4   DG  A O6    1 
ATOM   75  N  N1    . DG  A 1 4  ? 5.527   7.030   -2.941  1.00 58.05  ? 4   DG  A N1    1 
ATOM   76  C  C2    . DG  A 1 4  ? 5.216   7.765   -1.822  1.00 58.48  ? 4   DG  A C2    1 
ATOM   77  N  N2    . DG  A 1 4  ? 4.502   8.880   -2.024  1.00 68.22  ? 4   DG  A N2    1 
ATOM   78  N  N3    . DG  A 1 4  ? 5.582   7.433   -0.591  1.00 60.15  ? 4   DG  A N3    1 
ATOM   79  C  C4    . DG  A 1 4  ? 6.296   6.282   -0.571  1.00 57.25  ? 4   DG  A C4    1 
ATOM   80  P  P     . DC  A 1 5  ? 4.961   5.956   5.989   1.00 83.99  ? 5   DC  A P     1 
ATOM   81  O  OP1   . DC  A 1 5  ? 5.447   6.510   7.273   1.00 65.02  ? 5   DC  A OP1   1 
ATOM   82  O  OP2   . DC  A 1 5  ? 4.835   4.491   5.823   1.00 88.77  ? 5   DC  A OP2   1 
ATOM   83  O  "O5'" . DC  A 1 5  ? 3.550   6.621   5.645   1.00 83.04  ? 5   DC  A "O5'" 1 
ATOM   84  C  "C5'" . DC  A 1 5  ? 3.429   8.036   5.594   1.00 76.68  ? 5   DC  A "C5'" 1 
ATOM   85  C  "C4'" . DC  A 1 5  ? 2.408   8.456   4.550   1.00 64.30  ? 5   DC  A "C4'" 1 
ATOM   86  O  "O4'" . DC  A 1 5  ? 2.964   8.285   3.235   1.00 62.32  ? 5   DC  A "O4'" 1 
ATOM   87  C  "C3'" . DC  A 1 5  ? 1.138   7.632   4.532   1.00 67.19  ? 5   DC  A "C3'" 1 
ATOM   88  O  "O3'" . DC  A 1 5  ? 0.222   8.142   5.490   1.00 78.03  ? 5   DC  A "O3'" 1 
ATOM   89  C  "C2'" . DC  A 1 5  ? 0.628   7.836   3.102   1.00 63.60  ? 5   DC  A "C2'" 1 
ATOM   90  C  "C1'" . DC  A 1 5  ? 1.913   8.113   2.304   1.00 62.12  ? 5   DC  A "C1'" 1 
ATOM   91  N  N1    . DC  A 1 5  ? 2.288   7.019   1.359   1.00 61.19  ? 5   DC  A N1    1 
ATOM   92  C  C2    . DC  A 1 5  ? 2.011   7.157   -0.005  1.00 64.18  ? 5   DC  A C2    1 
ATOM   93  O  O2    . DC  A 1 5  ? 1.452   8.185   -0.404  1.00 74.08  ? 5   DC  A O2    1 
ATOM   94  N  N3    . DC  A 1 5  ? 2.362   6.158   -0.851  1.00 59.62  ? 5   DC  A N3    1 
ATOM   95  C  C4    . DC  A 1 5  ? 2.967   5.065   -0.381  1.00 60.69  ? 5   DC  A C4    1 
ATOM   96  N  N4    . DC  A 1 5  ? 3.295   4.106   -1.253  1.00 56.94  ? 5   DC  A N4    1 
ATOM   97  C  C5    . DC  A 1 5  ? 3.259   4.907   1.006   1.00 59.88  ? 5   DC  A C5    1 
ATOM   98  C  C6    . DC  A 1 5  ? 2.908   5.899   1.832   1.00 67.09  ? 5   DC  A C6    1 
ATOM   99  P  P     . DG  A 1 6  ? -0.532  7.146   6.499   1.00 78.43  ? 6   DG  A P     1 
ATOM   100 O  OP1   . DG  A 1 6  ? -0.988  7.941   7.661   1.00 74.97  ? 6   DG  A OP1   1 
ATOM   101 O  OP2   . DG  A 1 6  ? 0.335   5.966   6.706   1.00 87.41  ? 6   DG  A OP2   1 
ATOM   102 O  "O5'" . DG  A 1 6  ? -1.812  6.671   5.675   1.00 69.89  ? 6   DG  A "O5'" 1 
ATOM   103 C  "C5'" . DG  A 1 6  ? -2.700  7.635   5.135   1.00 77.96  ? 6   DG  A "C5'" 1 
ATOM   104 C  "C4'" . DG  A 1 6  ? -3.803  6.961   4.344   1.00 74.47  ? 6   DG  A "C4'" 1 
ATOM   105 O  "O4'" . DG  A 1 6  ? -3.250  6.387   3.134   1.00 73.98  ? 6   DG  A "O4'" 1 
ATOM   106 C  "C3'" . DG  A 1 6  ? -4.512  5.826   5.078   1.00 69.72  ? 6   DG  A "C3'" 1 
ATOM   107 O  "O3'" . DG  A 1 6  ? -5.907  5.888   4.837   1.00 71.68  ? 6   DG  A "O3'" 1 
ATOM   108 C  "C2'" . DG  A 1 6  ? -3.886  4.565   4.485   1.00 71.21  ? 6   DG  A "C2'" 1 
ATOM   109 C  "C1'" . DG  A 1 6  ? -3.531  5.005   3.070   1.00 78.13  ? 6   DG  A "C1'" 1 
ATOM   110 N  N9    . DG  A 1 6  ? -2.354  4.325   2.534   1.00 62.93  ? 6   DG  A N9    1 
ATOM   111 C  C8    . DG  A 1 6  ? -1.213  3.987   3.220   1.00 61.97  ? 6   DG  A C8    1 
ATOM   112 N  N7    . DG  A 1 6  ? -0.322  3.385   2.482   1.00 62.83  ? 6   DG  A N7    1 
ATOM   113 C  C5    . DG  A 1 6  ? -0.908  3.321   1.224   1.00 59.91  ? 6   DG  A C5    1 
ATOM   114 C  C6    . DG  A 1 6  ? -0.414  2.775   0.015   1.00 62.37  ? 6   DG  A C6    1 
ATOM   115 O  O6    . DG  A 1 6  ? 0.677   2.223   -0.191  1.00 57.58  ? 6   DG  A O6    1 
ATOM   116 N  N1    . DG  A 1 6  ? -1.327  2.920   -1.025  1.00 61.97  ? 6   DG  A N1    1 
ATOM   117 C  C2    . DG  A 1 6  ? -2.562  3.513   -0.910  1.00 61.27  ? 6   DG  A C2    1 
ATOM   118 N  N2    . DG  A 1 6  ? -3.303  3.558   -2.025  1.00 62.30  ? 6   DG  A N2    1 
ATOM   119 N  N3    . DG  A 1 6  ? -3.037  4.026   0.218   1.00 62.38  ? 6   DG  A N3    1 
ATOM   120 C  C4    . DG  A 1 6  ? -2.159  3.896   1.240   1.00 61.60  ? 6   DG  A C4    1 
ATOM   121 P  P     . DC  A 1 7  ? -6.915  4.980   5.697   1.00 84.95  ? 7   DC  A P     1 
ATOM   122 O  OP1   . DC  A 1 7  ? -8.109  5.800   5.999   1.00 84.25  ? 7   DC  A OP1   1 
ATOM   123 O  OP2   . DC  A 1 7  ? -6.146  4.363   6.801   1.00 74.20  ? 7   DC  A OP2   1 
ATOM   124 O  "O5'" . DC  A 1 7  ? -7.332  3.821   4.680   1.00 74.98  ? 7   DC  A "O5'" 1 
ATOM   125 C  "C5'" . DC  A 1 7  ? -7.881  4.161   3.417   1.00 72.07  ? 7   DC  A "C5'" 1 
ATOM   126 C  "C4'" . DC  A 1 7  ? -7.815  2.982   2.468   1.00 69.64  ? 7   DC  A "C4'" 1 
ATOM   127 O  "O4'" . DC  A 1 7  ? -6.508  2.913   1.871   1.00 67.01  ? 7   DC  A "O4'" 1 
ATOM   128 C  "C3'" . DC  A 1 7  ? -7.993  1.631   3.120   1.00 69.18  ? 7   DC  A "C3'" 1 
ATOM   129 O  "O3'" . DC  A 1 7  ? -9.373  1.351   3.278   1.00 78.59  ? 7   DC  A "O3'" 1 
ATOM   130 C  "C2'" . DC  A 1 7  ? -7.338  0.693   2.104   1.00 66.68  ? 7   DC  A "C2'" 1 
ATOM   131 C  "C1'" . DC  A 1 7  ? -6.261  1.582   1.460   1.00 68.15  ? 7   DC  A "C1'" 1 
ATOM   132 N  N1    . DC  A 1 7  ? -4.864  1.211   1.842   1.00 68.94  ? 7   DC  A N1    1 
ATOM   133 C  C2    . DC  A 1 7  ? -3.948  0.854   0.846   1.00 65.70  ? 7   DC  A C2    1 
ATOM   134 O  O2    . DC  A 1 7  ? -4.313  0.854   -0.335  1.00 76.34  ? 7   DC  A O2    1 
ATOM   135 N  N3    . DC  A 1 7  ? -2.686  0.518   1.205   1.00 60.03  ? 7   DC  A N3    1 
ATOM   136 C  C4    . DC  A 1 7  ? -2.332  0.530   2.488   1.00 60.34  ? 7   DC  A C4    1 
ATOM   137 N  N4    . DC  A 1 7  ? -1.075  0.192   2.793   1.00 68.42  ? 7   DC  A N4    1 
ATOM   138 C  C5    . DC  A 1 7  ? -3.250  0.890   3.519   1.00 62.26  ? 7   DC  A C5    1 
ATOM   139 C  C6    . DC  A 1 7  ? -4.493  1.220   3.154   1.00 67.26  ? 7   DC  A C6    1 
ATOM   140 P  P     . DC  A 1 8  ? -9.920  0.749   4.663   1.00 73.34  ? 8   DC  A P     1 
ATOM   141 O  OP1   . DC  A 1 8  ? -11.324 1.190   4.825   1.00 83.05  ? 8   DC  A OP1   1 
ATOM   142 O  OP2   . DC  A 1 8  ? -8.923  1.050   5.713   1.00 75.22  ? 8   DC  A OP2   1 
ATOM   143 O  "O5'" . DC  A 1 8  ? -9.904  -0.826  4.421   1.00 71.78  ? 8   DC  A "O5'" 1 
ATOM   144 C  "C5'" . DC  A 1 8  ? -10.585 -1.374  3.306   1.00 71.72  ? 8   DC  A "C5'" 1 
ATOM   145 C  "C4'" . DC  A 1 8  ? -10.035 -2.742  2.967   1.00 69.61  ? 8   DC  A "C4'" 1 
ATOM   146 O  "O4'" . DC  A 1 8  ? -8.708  -2.603  2.433   1.00 67.09  ? 8   DC  A "O4'" 1 
ATOM   147 C  "C3'" . DC  A 1 8  ? -9.878  -3.672  4.153   1.00 69.78  ? 8   DC  A "C3'" 1 
ATOM   148 O  "O3'" . DC  A 1 8  ? -11.091 -4.382  4.357   1.00 71.79  ? 8   DC  A "O3'" 1 
ATOM   149 C  "C2'" . DC  A 1 8  ? -8.743  -4.607  3.718   1.00 67.19  ? 8   DC  A "C2'" 1 
ATOM   150 C  "C1'" . DC  A 1 8  ? -7.983  -3.793  2.661   1.00 65.60  ? 8   DC  A "C1'" 1 
ATOM   151 N  N1    . DC  A 1 8  ? -6.597  -3.424  3.059   1.00 64.02  ? 8   DC  A N1    1 
ATOM   152 C  C2    . DC  A 1 8  ? -5.515  -4.166  2.572   1.00 62.17  ? 8   DC  A C2    1 
ATOM   153 O  O2    . DC  A 1 8  ? -5.728  -5.126  1.822   1.00 61.90  ? 8   DC  A O2    1 
ATOM   154 N  N3    . DC  A 1 8  ? -4.259  -3.811  2.939   1.00 61.09  ? 8   DC  A N3    1 
ATOM   155 C  C4    . DC  A 1 8  ? -4.070  -2.766  3.747   1.00 61.73  ? 8   DC  A C4    1 
ATOM   156 N  N4    . DC  A 1 8  ? -2.815  -2.457  4.084   1.00 60.90  ? 8   DC  A N4    1 
ATOM   157 C  C5    . DC  A 1 8  ? -5.159  -2.000  4.252   1.00 67.26  ? 8   DC  A C5    1 
ATOM   158 C  C6    . DC  A 1 8  ? -6.393  -2.358  3.883   1.00 67.66  ? 8   DC  A C6    1 
ATOM   159 P  P     . DG  A 1 9  ? -11.534 -4.829  5.835   1.00 73.94  ? 9   DG  A P     1 
ATOM   160 O  OP1   . DG  A 1 9  ? -13.007 -4.716  5.919   1.00 76.99  ? 9   DG  A OP1   1 
ATOM   161 O  OP2   . DG  A 1 9  ? -10.677 -4.108  6.803   1.00 73.96  ? 9   DG  A OP2   1 
ATOM   162 O  "O5'" . DG  A 1 9  ? -11.150 -6.374  5.888   1.00 72.71  ? 9   DG  A "O5'" 1 
ATOM   163 C  "C5'" . DG  A 1 9  ? -11.614 -7.251  4.874   1.00 72.22  ? 9   DG  A "C5'" 1 
ATOM   164 C  "C4'" . DG  A 1 9  ? -10.823 -8.545  4.882   1.00 70.69  ? 9   DG  A "C4'" 1 
ATOM   165 O  "O4'" . DG  A 1 9  ? -9.441  -8.264  4.550   1.00 68.27  ? 9   DG  A "O4'" 1 
ATOM   166 C  "C3'" . DG  A 1 9  ? -10.802 -9.274  6.220   1.00 72.04  ? 9   DG  A "C3'" 1 
ATOM   167 O  "O3'" . DG  A 1 9  ? -10.844 -10.673 6.017   1.00 75.56  ? 9   DG  A "O3'" 1 
ATOM   168 C  "C2'" . DG  A 1 9  ? -9.480  -8.839  6.843   1.00 70.83  ? 9   DG  A "C2'" 1 
ATOM   169 C  "C1'" . DG  A 1 9  ? -8.593  -8.612  5.625   1.00 68.14  ? 9   DG  A "C1'" 1 
ATOM   170 N  N9    . DG  A 1 9  ? -7.633  -7.533  5.823   1.00 67.12  ? 9   DG  A N9    1 
ATOM   171 C  C8    . DG  A 1 9  ? -7.818  -6.398  6.573   1.00 68.40  ? 9   DG  A C8    1 
ATOM   172 N  N7    . DG  A 1 9  ? -6.783  -5.607  6.582   1.00 67.22  ? 9   DG  A N7    1 
ATOM   173 C  C5    . DG  A 1 9  ? -5.854  -6.257  5.782   1.00 65.04  ? 9   DG  A C5    1 
ATOM   174 C  C6    . DG  A 1 9  ? -4.541  -5.877  5.420   1.00 63.30  ? 9   DG  A C6    1 
ATOM   175 O  O6    . DG  A 1 9  ? -3.921  -4.858  5.749   1.00 63.19  ? 9   DG  A O6    1 
ATOM   176 N  N1    . DG  A 1 9  ? -3.941  -6.820  4.593   1.00 61.93  ? 9   DG  A N1    1 
ATOM   177 C  C2    . DG  A 1 9  ? -4.534  -7.986  4.170   1.00 62.21  ? 9   DG  A C2    1 
ATOM   178 N  N2    . DG  A 1 9  ? -3.797  -8.772  3.375   1.00 61.21  ? 9   DG  A N2    1 
ATOM   179 N  N3    . DG  A 1 9  ? -5.764  -8.355  4.503   1.00 63.70  ? 9   DG  A N3    1 
ATOM   180 C  C4    . DG  A 1 9  ? -6.362  -7.445  5.308   1.00 65.04  ? 9   DG  A C4    1 
ATOM   181 P  P     . DA  A 1 10 ? -11.310 -11.638 7.213   1.00 113.58 ? 10  DA  A P     1 
ATOM   182 O  OP1   . DA  A 1 10 ? -12.395 -12.500 6.694   1.00 107.82 ? 10  DA  A OP1   1 
ATOM   183 O  OP2   . DA  A 1 10 ? -11.546 -10.786 8.402   1.00 84.31  ? 10  DA  A OP2   1 
ATOM   184 O  "O5'" . DA  A 1 10 ? -10.023 -12.542 7.500   1.00 101.74 ? 10  DA  A "O5'" 1 
ATOM   185 C  "C5'" . DA  A 1 10 ? -9.408  -13.259 6.435   1.00 81.59  ? 10  DA  A "C5'" 1 
ATOM   186 C  "C4'" . DA  A 1 10 ? -8.209  -14.044 6.932   1.00 70.66  ? 10  DA  A "C4'" 1 
ATOM   187 O  "O4'" . DA  A 1 10 ? -7.242  -13.132 7.514   1.00 70.01  ? 10  DA  A "O4'" 1 
ATOM   188 C  "C3'" . DA  A 1 10 ? -8.518  -15.085 8.010   1.00 73.01  ? 10  DA  A "C3'" 1 
ATOM   189 O  "O3'" . DA  A 1 10 ? -7.821  -16.293 7.733   1.00 75.26  ? 10  DA  A "O3'" 1 
ATOM   190 C  "C2'" . DA  A 1 10 ? -8.012  -14.427 9.292   1.00 74.17  ? 10  DA  A "C2'" 1 
ATOM   191 C  "C1'" . DA  A 1 10 ? -6.839  -13.616 8.772   1.00 71.77  ? 10  DA  A "C1'" 1 
ATOM   192 N  N9    . DA  A 1 10 ? -6.497  -12.476 9.619   1.00 73.56  ? 10  DA  A N9    1 
ATOM   193 C  C8    . DA  A 1 10 ? -7.342  -11.765 10.425  1.00 79.96  ? 10  DA  A C8    1 
ATOM   194 N  N7    . DA  A 1 10 ? -6.756  -10.790 11.078  1.00 84.28  ? 10  DA  A N7    1 
ATOM   195 C  C5    . DA  A 1 10 ? -5.435  -10.866 10.671  1.00 73.91  ? 10  DA  A C5    1 
ATOM   196 C  C6    . DA  A 1 10 ? -4.295  -10.106 11.003  1.00 75.37  ? 10  DA  A C6    1 
ATOM   197 N  N6    . DA  A 1 10 ? -4.319  -9.079  11.856  1.00 79.24  ? 10  DA  A N6    1 
ATOM   198 N  N1    . DA  A 1 10 ? -3.127  -10.445 10.419  1.00 74.37  ? 10  DA  A N1    1 
ATOM   199 C  C2    . DA  A 1 10 ? -3.108  -11.474 9.566   1.00 69.51  ? 10  DA  A C2    1 
ATOM   200 N  N3    . DA  A 1 10 ? -4.110  -12.261 9.177   1.00 71.46  ? 10  DA  A N3    1 
ATOM   201 C  C4    . DA  A 1 10 ? -5.257  -11.899 9.773   1.00 71.45  ? 10  DA  A C4    1 
HETATM 202 BA BA    . BA  B 2 .  ? 8.056   2.942   -3.806  1.00 72.31  ? 101 BA  A BA    1 
HETATM 203 RU RU    . RKL C 3 .  ? -6.622  -3.055  -4.506  1.00 61.05  ? 102 RKL A RU    1 
HETATM 204 C  C1    . RKL C 3 .  ? -8.668  -4.801  -3.588  1.00 64.43  ? 102 RKL A C1    1 
HETATM 205 N  N1    . RKL C 3 .  ? -8.621  -2.615  -4.407  1.00 67.53  ? 102 RKL A N1    1 
HETATM 206 C  C2    . RKL C 3 .  ? -6.614  -5.908  -3.479  1.00 76.80  ? 102 RKL A C2    1 
HETATM 207 N  N2    . RKL C 3 .  ? -7.347  -4.833  -3.780  1.00 69.83  ? 102 RKL A N2    1 
HETATM 208 C  C3    . RKL C 3 .  ? -7.253  -7.039  -2.972  1.00 64.03  ? 102 RKL A C3    1 
HETATM 209 N  N3    . RKL C 3 .  ? -11.409 -6.860  -2.433  1.00 81.73  ? 102 RKL A N3    1 
HETATM 210 C  C4    . RKL C 3 .  ? -8.633  -7.035  -2.774  1.00 66.75  ? 102 RKL A C4    1 
HETATM 211 N  N4    . RKL C 3 .  ? -12.748 -4.567  -3.081  1.00 73.95  ? 102 RKL A N4    1 
HETATM 212 C  C5    . RKL C 3 .  ? -9.353  -5.891  -3.087  1.00 74.63  ? 102 RKL A C5    1 
HETATM 213 N  N5    . RKL C 3 .  ? -4.644  -3.595  -4.339  1.00 61.18  ? 102 RKL A N5    1 
HETATM 214 C  C6    . RKL C 3 .  ? -10.734 -5.812  -2.919  1.00 87.91  ? 102 RKL A C6    1 
HETATM 215 N  N6    . RKL C 3 .  ? -2.077  -4.160  -3.659  1.00 58.73  ? 102 RKL A N6    1 
HETATM 216 C  C7    . RKL C 3 .  ? -11.411 -4.638  -3.249  1.00 79.68  ? 102 RKL A C7    1 
HETATM 217 N  N7    . RKL C 3 .  ? -5.692  -1.999  -0.135  1.00 61.16  ? 102 RKL A N7    1 
HETATM 218 C  C8    . RKL C 3 .  ? -10.711 -3.543  -3.753  1.00 73.19  ? 102 RKL A C8    1 
HETATM 219 N  N8    . RKL C 3 .  ? -6.342  -2.564  -2.668  1.00 50.67  ? 102 RKL A N8    1 
HETATM 220 C  C9    . RKL C 3 .  ? -11.342 -2.355  -4.097  1.00 75.96  ? 102 RKL A C9    1 
HETATM 221 N  N9    . RKL C 3 .  ? -6.033  -1.306  -5.278  1.00 52.20  ? 102 RKL A N9    1 
HETATM 222 C  C10   . RKL C 3 .  ? -9.342  -3.631  -3.919  1.00 69.87  ? 102 RKL A C10   1 
HETATM 223 N  N10   . RKL C 3 .  ? -5.244  0.894   -6.668  1.00 48.69  ? 102 RKL A N10   1 
HETATM 224 C  C11   . RKL C 3 .  ? -10.567 -1.309  -4.596  1.00 81.03  ? 102 RKL A C11   1 
HETATM 225 N  N11   . RKL C 3 .  ? -6.607  -3.816  -9.162  1.00 52.30  ? 102 RKL A N11   1 
HETATM 226 C  C12   . RKL C 3 .  ? -9.188  -1.453  -4.739  1.00 83.77  ? 102 RKL A C12   1 
HETATM 227 N  N12   . RKL C 3 .  ? -6.682  -3.534  -6.454  1.00 49.29  ? 102 RKL A N12   1 
HETATM 228 C  C13   . RKL C 3 .  ? -13.415 -5.619  -2.597  1.00 63.48  ? 102 RKL A C13   1 
HETATM 229 C  C14   . RKL C 3 .  ? -14.792 -5.548  -2.422  1.00 70.52  ? 102 RKL A C14   1 
HETATM 230 C  C15   . RKL C 3 .  ? -12.733 -6.785  -2.267  1.00 65.22  ? 102 RKL A C15   1 
HETATM 231 C  C16   . RKL C 3 .  ? -13.428 -7.876  -1.761  1.00 71.51  ? 102 RKL A C16   1 
HETATM 232 C  C17   . RKL C 3 .  ? -14.805 -7.807  -1.590  1.00 74.95  ? 102 RKL A C17   1 
HETATM 233 C  C18   . RKL C 3 .  ? -15.487 -6.642  -1.920  1.00 79.33  ? 102 RKL A C18   1 
HETATM 234 C  C19   . RKL C 3 .  ? -4.199  -3.355  -3.115  1.00 58.90  ? 102 RKL A C19   1 
HETATM 235 C  C20   . RKL C 3 .  ? -3.845  -4.117  -5.269  1.00 72.42  ? 102 RKL A C20   1 
HETATM 236 C  C21   . RKL C 3 .  ? -2.527  -4.404  -4.904  1.00 52.85  ? 102 RKL A C21   1 
HETATM 237 C  C22   . RKL C 3 .  ? -2.906  -3.628  -2.735  1.00 51.88  ? 102 RKL A C22   1 
HETATM 238 C  C23   . RKL C 3 .  ? -2.524  -3.345  -1.422  1.00 67.76  ? 102 RKL A C23   1 
HETATM 239 C  C24   . RKL C 3 .  ? -3.446  -2.793  -0.525  1.00 54.37  ? 102 RKL A C24   1 
HETATM 240 C  C25   . RKL C 3 .  ? -4.752  -2.525  -0.934  1.00 49.75  ? 102 RKL A C25   1 
HETATM 241 C  C26   . RKL C 3 .  ? -5.109  -2.813  -2.232  1.00 56.50  ? 102 RKL A C26   1 
HETATM 242 C  C27   . RKL C 3 .  ? -6.871  -1.774  -0.566  1.00 68.01  ? 102 RKL A C27   1 
HETATM 243 C  C28   . RKL C 3 .  ? -7.243  -2.046  -1.827  1.00 59.55  ? 102 RKL A C28   1 
HETATM 244 C  C29   . RKL C 3 .  ? -5.960  -1.336  -6.605  1.00 51.28  ? 102 RKL A C29   1 
HETATM 245 C  C30   . RKL C 3 .  ? -5.713  -0.201  -4.601  1.00 68.01  ? 102 RKL A C30   1 
HETATM 246 C  C31   . RKL C 3 .  ? -5.312  0.923   -5.326  1.00 51.20  ? 102 RKL A C31   1 
HETATM 247 C  C32   . RKL C 3 .  ? -5.565  -0.236  -7.334  1.00 48.60  ? 102 RKL A C32   1 
HETATM 248 C  C33   . RKL C 3 .  ? -5.516  -0.333  -8.724  1.00 50.89  ? 102 RKL A C33   1 
HETATM 249 C  C34   . RKL C 3 .  ? -5.863  -1.531  -9.357  1.00 65.13  ? 102 RKL A C34   1 
HETATM 250 C  C35   . RKL C 3 .  ? -6.260  -2.635  -8.604  1.00 61.90  ? 102 RKL A C35   1 
HETATM 251 C  C36   . RKL C 3 .  ? -6.304  -2.522  -7.231  1.00 49.26  ? 102 RKL A C36   1 
HETATM 252 C  C37   . RKL C 3 .  ? -6.980  -4.842  -8.376  1.00 69.12  ? 102 RKL A C37   1 
HETATM 253 C  C38   . RKL C 3 .  ? -7.017  -4.711  -6.986  1.00 78.15  ? 102 RKL A C38   1 
HETATM 254 O  O     . HOH D 4 .  ? 4.779   -0.170  -4.286  1.00 50.34  ? 201 HOH A O     1 
# 
loop_
_atom_site_anisotrop.id 
_atom_site_anisotrop.type_symbol 
_atom_site_anisotrop.pdbx_label_atom_id 
_atom_site_anisotrop.pdbx_label_alt_id 
_atom_site_anisotrop.pdbx_label_comp_id 
_atom_site_anisotrop.pdbx_label_asym_id 
_atom_site_anisotrop.pdbx_label_seq_id 
_atom_site_anisotrop.pdbx_PDB_ins_code 
_atom_site_anisotrop.U[1][1] 
_atom_site_anisotrop.U[2][2] 
_atom_site_anisotrop.U[3][3] 
_atom_site_anisotrop.U[1][2] 
_atom_site_anisotrop.U[1][3] 
_atom_site_anisotrop.U[2][3] 
_atom_site_anisotrop.pdbx_auth_seq_id 
_atom_site_anisotrop.pdbx_auth_comp_id 
_atom_site_anisotrop.pdbx_auth_asym_id 
_atom_site_anisotrop.pdbx_auth_atom_id 
1   O "O5'" . DT A 1  ? 1.5595 1.3464 1.3544 -0.1722 0.2642  0.0383  1  DT A "O5'" 
2   C "C5'" . DT A 1  ? 1.6150 1.3760 1.4049 -0.1907 0.3086  0.0374  1  DT A "C5'" 
3   C "C4'" . DT A 1  ? 1.3518 1.1178 1.2345 -0.1655 0.3336  0.0329  1  DT A "C4'" 
4   O "O4'" . DT A 1  ? 1.3640 1.1113 1.2582 -0.1815 0.3738  0.0358  1  DT A "O4'" 
5   C "C3'" . DT A 1  ? 1.2118 1.0171 1.1768 -0.1323 0.2887  0.0429  1  DT A "C3'" 
6   O "O3'" . DT A 1  ? 1.0787 0.8886 1.1171 -0.1083 0.2996  0.0380  1  DT A "O3'" 
7   C "C2'" . DT A 1  ? 1.4220 1.2340 1.4189 -0.1377 0.2861  0.0566  1  DT A "C2'" 
8   C "C1'" . DT A 1  ? 1.4379 1.2121 1.3870 -0.1696 0.3431  0.0534  1  DT A "C1'" 
9   N N1    . DT A 1  ? 1.4732 1.2385 1.3518 -0.2013 0.3337  0.0680  1  DT A N1    
10  C C2    . DT A 1  ? 1.4657 1.2562 1.3843 -0.1952 0.2965  0.0878  1  DT A C2    
11  O O2    . DT A 1  ? 1.5376 1.3565 1.5421 -0.1658 0.2710  0.0906  1  DT A O2    
12  N N3    . DT A 1  ? 1.3568 1.1364 1.2106 -0.2275 0.2882  0.1052  1  DT A N3    
13  C C4    . DT A 1  ? 1.4239 1.1695 1.1703 -0.2673 0.3099  0.1050  1  DT A C4    
14  O O4    . DT A 1  ? 1.4307 1.1683 1.1229 -0.2979 0.2940  0.1264  1  DT A O4    
15  C C5    . DT A 1  ? 1.5369 1.2551 1.2401 -0.2728 0.3500  0.0792  1  DT A C5    
16  C C7    . DT A 1  ? 1.6432 1.3194 1.2245 -0.3181 0.3755  0.0729  1  DT A C7    
17  C C6    . DT A 1  ? 1.5101 1.2402 1.2856 -0.2387 0.3612  0.0625  1  DT A C6    
18  P P     . DC A 2  ? 1.4998 1.3259 1.5443 -0.0876 0.2696  0.0344  2  DC A P     
19  O OP1   . DC A 2  ? 1.4057 1.2359 1.5385 -0.0668 0.2780  0.0375  2  DC A OP1   
20  O OP2   . DC A 2  ? 1.4250 1.2319 1.3869 -0.1056 0.2824  0.0246  2  DC A OP2   
21  O "O5'" . DC A 2  ? 0.9208 0.7806 0.9681 -0.0746 0.2115  0.0415  2  DC A "O5'" 
22  C "C5'" . DC A 2  ? 0.8336 0.7087 0.8574 -0.0637 0.1803  0.0380  2  DC A "C5'" 
23  C "C4'" . DC A 2  ? 0.8007 0.7043 0.8431 -0.0512 0.1345  0.0403  2  DC A "C4'" 
24  O "O4'" . DC A 2  ? 0.8450 0.7497 0.8820 -0.0640 0.1305  0.0458  2  DC A "O4'" 
25  C "C3'" . DC A 2  ? 0.7904 0.7069 0.7906 -0.0477 0.1087  0.0342  2  DC A "C3'" 
26  O "O3'" . DC A 2  ? 0.7774 0.7031 0.7950 -0.0310 0.0951  0.0321  2  DC A "O3'" 
27  C "C2'" . DC A 2  ? 0.7699 0.7055 0.7845 -0.0458 0.0781  0.0342  2  DC A "C2'" 
28  C "C1'" . DC A 2  ? 0.7837 0.7089 0.8141 -0.0595 0.0936  0.0441  2  DC A "C1'" 
29  N N1    . DC A 2  ? 0.8513 0.7688 0.8338 -0.0822 0.0945  0.0512  2  DC A N1    
30  C C2    . DC A 2  ? 0.7960 0.7247 0.8024 -0.0874 0.0729  0.0610  2  DC A C2    
31  O O2    . DC A 2  ? 0.7728 0.7168 0.8386 -0.0721 0.0563  0.0598  2  DC A O2    
32  N N3    . DC A 2  ? 0.8740 0.7956 0.8410 -0.1107 0.0681  0.0734  2  DC A N3    
33  C C4    . DC A 2  ? 0.9719 0.8749 0.8726 -0.1295 0.0832  0.0736  2  DC A C4    
34  N N4    . DC A 2  ? 1.3289 1.2247 1.1915 -0.1556 0.0712  0.0891  2  DC A N4    
35  C C5    . DC A 2  ? 1.0101 0.9005 0.8848 -0.1239 0.1082  0.0595  2  DC A C5    
36  C C6    . DC A 2  ? 0.9643 0.8630 0.8841 -0.0997 0.1133  0.0501  2  DC A C6    
37  P P     . DI A 3  ? 0.8753 0.8100 0.8467 -0.0278 0.0792  0.0259  3  DI A P     
38  O OP1   . DI A 3  ? 0.7790 0.7127 0.7632 -0.0172 0.0777  0.0305  3  DI A OP1   
39  O OP2   . DI A 3  ? 1.0122 0.9361 0.9311 -0.0451 0.0944  0.0240  3  DI A OP2   
40  O "O5'" . DI A 3  ? 0.9924 0.9496 0.9756 -0.0194 0.0447  0.0180  3  DI A "O5'" 
41  C "C5'" . DI A 3  ? 0.8420 0.8096 0.8681 -0.0070 0.0219  0.0170  3  DI A "C5'" 
42  C "C4'" . DI A 3  ? 0.7840 0.7670 0.8190 -0.0040 -0.0031 0.0045  3  DI A "C4'" 
43  O "O4'" . DI A 3  ? 0.7325 0.7149 0.7887 -0.0117 0.0020  0.0085  3  DI A "O4'" 
44  C "C3'" . DI A 3  ? 0.9087 0.8984 0.8993 -0.0055 -0.0065 -0.0077 3  DI A "C3'" 
45  O "O3'" . DI A 3  ? 0.9601 0.9567 0.9384 0.0018  -0.0252 -0.0192 3  DI A "O3'" 
46  C "C2'" . DI A 3  ? 0.7401 0.7374 0.7477 -0.0102 -0.0119 -0.0132 3  DI A "C2'" 
47  C "C1'" . DI A 3  ? 0.7267 0.7183 0.7705 -0.0155 -0.0073 0.0004  3  DI A "C1'" 
48  N N9    . DI A 3  ? 0.8418 0.8242 0.8597 -0.0318 0.0088  0.0123  3  DI A N9    
49  C C8    . DI A 3  ? 0.8044 0.7769 0.7742 -0.0402 0.0250  0.0150  3  DI A C8    
50  N N7    . DI A 3  ? 1.0879 1.0508 1.0377 -0.0591 0.0321  0.0266  3  DI A N7    
51  C C5    . DI A 3  ? 0.7504 0.7182 0.7364 -0.0628 0.0207  0.0342  3  DI A C5    
52  C C6    . DI A 3  ? 0.7645 0.7264 0.7502 -0.0832 0.0168  0.0522  3  DI A C6    
53  O O6    . DI A 3  ? 0.9715 0.9198 0.9099 -0.1045 0.0235  0.0625  3  DI A O6    
54  N N1    . DI A 3  ? 0.7721 0.7424 0.8082 -0.0808 0.0032  0.0587  3  DI A N1    
55  C C2    . DI A 3  ? 0.7331 0.7162 0.8193 -0.0603 -0.0068 0.0462  3  DI A C2    
56  N N3    . DI A 3  ? 0.7239 0.7115 0.8076 -0.0431 -0.0065 0.0287  3  DI A N3    
57  C C4    . DI A 3  ? 0.7392 0.7201 0.7740 -0.0435 0.0066  0.0235  3  DI A C4    
58  P P     . DG A 4  ? 0.8698 0.8656 0.7919 0.0004  -0.0188 -0.0226 4  DG A P     
59  O OP1   . DG A 4  ? 0.9950 0.9923 0.9032 0.0039  -0.0401 -0.0264 4  DG A OP1   
60  O OP2   . DG A 4  ? 1.0177 1.0027 0.9234 -0.0046 0.0045  -0.0075 4  DG A OP2   
61  O "O5'" . DG A 4  ? 0.8930 0.8975 0.8027 -0.0023 -0.0146 -0.0401 4  DG A "O5'" 
62  C "C5'" . DG A 4  ? 0.8075 0.8203 0.7418 0.0008  -0.0291 -0.0595 4  DG A "C5'" 
63  C "C4'" . DG A 4  ? 0.7821 0.8021 0.7289 -0.0022 -0.0194 -0.0697 4  DG A "C4'" 
64  O "O4'" . DG A 4  ? 0.9387 0.9578 0.9138 -0.0082 -0.0157 -0.0516 4  DG A "O4'" 
65  C "C3'" . DG A 4  ? 0.7825 0.8034 0.6892 -0.0056 -0.0017 -0.0735 4  DG A "C3'" 
66  O "O3'" . DG A 4  ? 1.0179 1.0467 0.9410 -0.0046 0.0032  -0.0965 4  DG A "O3'" 
67  C "C2'" . DG A 4  ? 0.7680 0.7860 0.6782 -0.0132 0.0087  -0.0526 4  DG A "C2'" 
68  C "C1'" . DG A 4  ? 0.7575 0.7779 0.7175 -0.0154 -0.0030 -0.0464 4  DG A "C1'" 
69  N N9    . DG A 4  ? 0.7352 0.7464 0.6900 -0.0267 0.0019  -0.0240 4  DG A N9    
70  C C8    . DG A 4  ? 0.7424 0.7394 0.6645 -0.0308 0.0141  -0.0121 4  DG A C8    
71  N N7    . DG A 4  ? 0.8769 0.8635 0.7924 -0.0451 0.0202  0.0028  4  DG A N7    
72  C C5    . DG A 4  ? 0.7372 0.7334 0.6846 -0.0511 0.0058  0.0060  4  DG A C5    
73  C C6    . DG A 4  ? 0.8234 0.8139 0.7743 -0.0699 -0.0003 0.0245  4  DG A C6    
74  O O6    . DG A 4  ? 1.1494 1.1223 1.0641 -0.0871 0.0094  0.0379  4  DG A O6    
75  N N1    . DG A 4  ? 0.7329 0.7384 0.7345 -0.0701 -0.0195 0.0267  4  DG A N1    
76  C C2    . DG A 4  ? 0.7187 0.7404 0.7626 -0.0537 -0.0255 0.0075  4  DG A C2    
77  N N2    . DG A 4  ? 0.8183 0.8517 0.9219 -0.0561 -0.0412 0.0118  4  DG A N2    
78  N N3    . DG A 4  ? 0.7441 0.7684 0.7729 -0.0382 -0.0167 -0.0141 4  DG A N3    
79  C C4    . DG A 4  ? 0.7280 0.7399 0.7075 -0.0381 -0.0040 -0.0109 4  DG A C4    
80  P P     . DC A 5  ? 1.0946 1.1237 0.9729 -0.0065 0.0221  -0.1128 5  DC A P     
81  O OP1   . DC A 5  ? 0.8639 0.8889 0.7177 -0.0058 0.0157  -0.1383 5  DC A OP1   
82  O OP2   . DC A 5  ? 1.1712 1.1952 1.0064 -0.0101 0.0315  -0.0916 5  DC A OP2   
83  O "O5'" . DC A 5  ? 1.0629 1.1017 0.9906 -0.0078 0.0368  -0.1220 5  DC A "O5'" 
84  C "C5'" . DC A 5  ? 0.9598 1.0042 0.9496 -0.0046 0.0310  -0.1394 5  DC A "C5'" 
85  C "C4'" . DC A 5  ? 0.7775 0.8315 0.8340 -0.0076 0.0320  -0.1253 5  DC A "C4'" 
86  O "O4'" . DC A 5  ? 0.7504 0.8026 0.8151 -0.0127 0.0134  -0.0945 5  DC A "O4'" 
87  C "C3'" . DC A 5  ? 0.8153 0.8733 0.8644 -0.0125 0.0512  -0.1181 5  DC A "C3'" 
88  O "O3'" . DC A 5  ? 0.9422 1.0048 1.0177 -0.0097 0.0746  -0.1466 5  DC A "O3'" 
89  C "C2'" . DC A 5  ? 0.7502 0.8139 0.8525 -0.0203 0.0354  -0.0890 5  DC A "C2'" 
90  C "C1'" . DC A 5  ? 0.7363 0.7935 0.8306 -0.0216 0.0130  -0.0738 5  DC A "C1'" 
91  N N1    . DC A 5  ? 0.7441 0.7913 0.7894 -0.0314 0.0087  -0.0474 5  DC A N1    
92  C C2    . DC A 5  ? 0.7757 0.8211 0.8419 -0.0455 -0.0061 -0.0206 5  DC A C2    
93  O O2    . DC A 5  ? 0.8762 0.9308 1.0075 -0.0489 -0.0196 -0.0143 5  DC A O2    
94  N N3    . DC A 5  ? 0.7399 0.7714 0.7540 -0.0574 -0.0051 -0.0022 5  DC A N3    
95  C C4    . DC A 5  ? 0.7753 0.7970 0.7336 -0.0526 0.0101  -0.0084 5  DC A C4    
96  N N4    . DC A 5  ? 0.7476 0.7531 0.6630 -0.0649 0.0152  0.0066  5  DC A N4    
97  C C5    . DC A 5  ? 0.7685 0.7945 0.7121 -0.0374 0.0204  -0.0297 5  DC A C5    
98  C C6    . DC A 5  ? 0.8434 0.8811 0.8244 -0.0288 0.0191  -0.0492 5  DC A C6    
99  P P     . DG A 6  ? 0.9662 1.0264 0.9876 -0.0121 0.1055  -0.1579 6  DG A P     
100 O OP1   . DG A 6  ? 0.9182 0.9768 0.9536 -0.0102 0.1317  -0.1973 6  DG A OP1   
101 O OP2   . DG A 6  ? 1.1116 1.1621 1.0474 -0.0142 0.0985  -0.1437 6  DG A OP2   
102 O "O5'" . DG A 6  ? 0.8391 0.9090 0.9076 -0.0174 0.1116  -0.1347 6  DG A "O5'" 
103 C "C5'" . DG A 6  ? 0.9041 0.9854 1.0724 -0.0176 0.1093  -0.1333 6  DG A "C5'" 
104 C "C4'" . DG A 6  ? 0.8464 0.9352 1.0478 -0.0261 0.1072  -0.1050 6  DG A "C4'" 
105 O "O4'" . DG A 6  ? 0.8528 0.9359 1.0221 -0.0352 0.0769  -0.0719 6  DG A "O4'" 
106 C "C3'" . DG A 6  ? 0.8009 0.8886 0.9595 -0.0281 0.1369  -0.1092 6  DG A "C3'" 
107 O "O3'" . DG A 6  ? 0.7949 0.8944 1.0342 -0.0322 0.1474  -0.1008 6  DG A "O3'" 
108 C "C2'" . DG A 6  ? 0.8488 0.9266 0.9302 -0.0346 0.1205  -0.0836 6  DG A "C2'" 
109 C "C1'" . DG A 6  ? 0.9261 1.0035 1.0391 -0.0417 0.0848  -0.0586 6  DG A "C1'" 
110 N N9    . DG A 6  ? 0.7617 0.8252 0.8040 -0.0450 0.0698  -0.0455 6  DG A N9    
111 C C8    . DG A 6  ? 0.7734 0.8280 0.7533 -0.0373 0.0755  -0.0575 6  DG A C8    
112 N N7    . DG A 6  ? 0.8012 0.8442 0.7417 -0.0420 0.0629  -0.0412 6  DG A N7    
113 C C5    . DG A 6  ? 0.7565 0.7982 0.7215 -0.0559 0.0490  -0.0193 6  DG A C5    
114 C C6    . DG A 6  ? 0.8028 0.8299 0.7369 -0.0695 0.0367  0.0008  6  DG A C6    
115 O O6    . DG A 6  ? 0.7619 0.7750 0.6510 -0.0691 0.0397  0.0026  6  DG A O6    
116 N N1    . DG A 6  ? 0.7880 0.8157 0.7510 -0.0868 0.0203  0.0203  6  DG A N1    
117 C C2    . DG A 6  ? 0.7517 0.7951 0.7811 -0.0886 0.0144  0.0235  6  DG A C2    
118 N N2    . DG A 6  ? 0.7575 0.7990 0.8106 -0.1091 -0.0090 0.0486  6  DG A N2    
119 N N3    . DG A 6  ? 0.7467 0.8051 0.8181 -0.0732 0.0310  0.0033  6  DG A N3    
120 C C4    . DG A 6  ? 0.7522 0.8075 0.7809 -0.0583 0.0489  -0.0189 6  DG A C4    
121 P P     . DC A 7  ? 0.9667 1.0685 1.1924 -0.0337 0.1864  -0.1086 7  DC A P     
122 O OP1   . DC A 7  ? 0.9174 1.0315 1.2519 -0.0312 0.2109  -0.1227 7  DC A OP1   
123 O OP2   . DC A 7  ? 0.8701 0.9594 0.9899 -0.0307 0.2066  -0.1280 7  DC A OP2   
124 O "O5'" . DC A 7  ? 0.8442 0.9461 1.0588 -0.0454 0.1649  -0.0706 7  DC A "O5'" 
125 C "C5'" . DC A 7  ? 0.7802 0.8893 1.0687 -0.0552 0.1319  -0.0420 7  DC A "C5'" 
126 C "C4'" . DC A 7  ? 0.7699 0.8695 1.0065 -0.0695 0.1083  -0.0119 7  DC A "C4'" 
127 O "O4'" . DC A 7  ? 0.7644 0.8501 0.9315 -0.0716 0.0856  -0.0063 7  DC A "O4'" 
128 C "C3'" . DC A 7  ? 0.7875 0.8806 0.9606 -0.0698 0.1340  -0.0145 7  DC A "C3'" 
129 O "O3'" . DC A 7  ? 0.8807 0.9852 1.1204 -0.0744 0.1491  -0.0076 7  DC A "O3'" 
130 C "C2'" . DC A 7  ? 0.7834 0.8603 0.8899 -0.0822 0.1073  0.0075  7  DC A "C2'" 
131 C "C1'" . DC A 7  ? 0.8073 0.8789 0.9031 -0.0812 0.0820  0.0078  7  DC A "C1'" 
132 N N1    . DC A 7  ? 0.8489 0.9074 0.8629 -0.0729 0.0884  -0.0037 7  DC A N1    
133 C C2    . DC A 7  ? 0.8284 0.8710 0.7968 -0.0820 0.0687  0.0097  7  DC A C2    
134 O O2    . DC A 7  ? 0.9602 0.9976 0.9429 -0.0992 0.0461  0.0297  7  DC A O2    
135 N N3    . DC A 7  ? 0.7792 0.8110 0.6904 -0.0736 0.0751  0.0012  7  DC A N3    
136 C C4    . DC A 7  ? 0.7882 0.8244 0.6799 -0.0593 0.0934  -0.0171 7  DC A C4    
137 N N4    . DC A 7  ? 0.9099 0.9360 0.7538 -0.0530 0.0933  -0.0203 7  DC A N4    
138 C C5    . DC A 7  ? 0.7982 0.8478 0.7195 -0.0529 0.1134  -0.0324 7  DC A C5    
139 C C6    . DC A 7  ? 0.8366 0.8971 0.8219 -0.0589 0.1134  -0.0265 7  DC A C6    
140 P P     . DC A 8  ? 0.8187 0.9264 1.0413 -0.0670 0.1991  -0.0270 8  DC A P     
141 O OP1   . DC A 8  ? 0.8990 1.0233 1.2335 -0.0679 0.2178  -0.0270 8  DC A OP1   
142 O OP2   . DC A 8  ? 0.8687 0.9689 1.0205 -0.0557 0.2198  -0.0556 8  DC A OP2   
143 O "O5'" . DC A 8  ? 0.8246 0.9215 0.9813 -0.0764 0.1956  -0.0070 8  DC A "O5'" 
144 C "C5'" . DC A 8  ? 0.8122 0.9084 1.0044 -0.0919 0.1680  0.0213  8  DC A "C5'" 
145 C "C4'" . DC A 8  ? 0.8197 0.8977 0.9276 -0.1001 0.1602  0.0336  8  DC A "C4'" 
146 O "O4'" . DC A 8  ? 0.8137 0.8773 0.8582 -0.0996 0.1389  0.0318  8  DC A "O4'" 
147 C "C3'" . DC A 8  ? 0.8418 0.9161 0.8932 -0.0923 0.1968  0.0242  8  DC A "C3'" 
148 O "O3'" . DC A 8  ? 0.8507 0.9319 0.9451 -0.0989 0.2139  0.0350  8  DC A "O3'" 
149 C "C2'" . DC A 8  ? 0.8439 0.8975 0.8115 -0.0958 0.1815  0.0319  8  DC A "C2'" 
150 C "C1'" . DC A 8  ? 0.8262 0.8737 0.7925 -0.0994 0.1482  0.0331  8  DC A "C1'" 
151 N N1    . DC A 8  ? 0.8264 0.8672 0.7386 -0.0874 0.1489  0.0194  8  DC A N1    
152 C C2    . DC A 8  ? 0.8290 0.8507 0.6824 -0.0905 0.1393  0.0253  8  DC A C2    
153 O O2    . DC A 8  ? 0.8343 0.8427 0.6750 -0.1038 0.1330  0.0383  8  DC A O2    
154 N N3    . DC A 8  ? 0.8287 0.8460 0.6463 -0.0798 0.1380  0.0155  8  DC A N3    
155 C C4    . DC A 8  ? 0.8289 0.8581 0.6586 -0.0682 0.1433  -0.0008 8  DC A C4    
156 N N4    . DC A 8  ? 0.8312 0.8551 0.6275 -0.0597 0.1377  -0.0086 8  DC A N4    
157 C C5    . DC A 8  ? 0.8756 0.9216 0.7582 -0.0657 0.1561  -0.0111 8  DC A C5    
158 C C6    . DC A 8  ? 0.8640 0.9160 0.7906 -0.0747 0.1596  0.0002  8  DC A C6    
159 P P     . DG A 9  ? 0.8808 0.9679 0.9606 -0.0913 0.2637  0.0235  9  DG A P     
160 O OP1   . DG A 9  ? 0.8818 0.9850 1.0587 -0.0956 0.2820  0.0289  9  DG A OP1   
161 O OP2   . DG A 9  ? 0.8986 0.9841 0.9276 -0.0793 0.2817  -0.0016 9  DG A OP2   
162 O "O5'" . DG A 9  ? 0.8937 0.9654 0.9036 -0.0972 0.2643  0.0395  9  DG A "O5'" 
163 C "C5'" . DG A 9  ? 0.8829 0.9474 0.9138 -0.1110 0.2417  0.0610  9  DG A "C5'" 
164 C "C4'" . DG A 9  ? 0.8947 0.9397 0.8516 -0.1139 0.2400  0.0702  9  DG A "C4'" 
165 O "O4'" . DG A 9  ? 0.8875 0.9196 0.7870 -0.1088 0.2212  0.0628  9  DG A "O4'" 
166 C "C3'" . DG A 9  ? 0.9244 0.9701 0.8425 -0.1076 0.2761  0.0712  9  DG A "C3'" 
167 O "O3'" . DG A 9  ? 0.9792 1.0117 0.8802 -0.1158 0.2751  0.0894  9  DG A "O3'" 
168 C "C2'" . DG A 9  ? 0.9341 0.9741 0.7832 -0.0968 0.2759  0.0585  9  DG A "C2'" 
169 C "C1'" . DG A 9  ? 0.9074 0.9351 0.7464 -0.0986 0.2396  0.0584  9  DG A "C1'" 
170 N N9    . DG A 9  ? 0.9018 0.9315 0.7170 -0.0886 0.2311  0.0423  9  DG A N9    
171 C C8    . DG A 9  ? 0.9088 0.9521 0.7380 -0.0807 0.2450  0.0237  9  DG A C8    
172 N N7    . DG A 9  ? 0.9033 0.9436 0.7071 -0.0736 0.2307  0.0116  9  DG A N7    
173 C C5    . DG A 9  ? 0.8906 0.9156 0.6651 -0.0763 0.2081  0.0240  9  DG A C5    
174 C C6    . DG A 9  ? 0.8806 0.8966 0.6280 -0.0714 0.1882  0.0201  9  DG A C6    
175 O O6    . DG A 9  ? 0.8792 0.8999 0.6217 -0.0635 0.1823  0.0059  9  DG A O6    
176 N N1    . DG A 9  ? 0.8749 0.8737 0.6045 -0.0772 0.1770  0.0335  9  DG A N1    
177 C C2    . DG A 9  ? 0.8801 0.8697 0.6139 -0.0873 0.1824  0.0469  9  DG A C2    
178 N N2    . DG A 9  ? 0.8802 0.8494 0.5961 -0.0931 0.1748  0.0535  9  DG A N2    
179 N N3    . DG A 9  ? 0.8877 0.8862 0.6464 -0.0922 0.1967  0.0522  9  DG A N3    
180 C C4    . DG A 9  ? 0.8917 0.9085 0.6711 -0.0858 0.2096  0.0410  9  DG A C4    
181 P P     . DA A 10 ? 1.4645 1.4998 1.3510 -0.1159 0.3110  0.1012  10 DA A P     
182 O OP1   . DA A 10 ? 1.3731 1.4083 1.3152 -0.1278 0.3110  0.1175  10 DA A OP1   
183 O OP2   . DA A 10 ? 1.0916 1.1413 0.9703 -0.1082 0.3427  0.0863  10 DA A OP2   
184 O "O5'" . DA A 10 ? 1.3454 1.3621 1.1584 -0.1132 0.3042  0.1108  10 DA A "O5'" 
185 C "C5'" . DA A 10 ? 1.0987 1.0959 0.9055 -0.1186 0.2786  0.1174  10 DA A "C5'" 
186 C "C4'" . DA A 10 ? 0.9825 0.9652 0.7368 -0.1138 0.2783  0.1277  10 DA A "C4'" 
187 O "O4'" . DA A 10 ? 0.9865 0.9738 0.6998 -0.1031 0.2735  0.1168  10 DA A "O4'" 
188 C "C3'" . DA A 10 ? 1.0163 0.9996 0.7580 -0.1158 0.3012  0.1493  10 DA A "C3'" 
189 O "O3'" . DA A 10 ? 1.0538 1.0172 0.7886 -0.1184 0.2927  0.1656  10 DA A "O3'" 
190 C "C2'" . DA A 10 ? 1.0451 1.0378 0.7350 -0.1088 0.3124  0.1462  10 DA A "C2'" 
191 C "C1'" . DA A 10 ? 1.0232 1.0104 0.6936 -0.1009 0.2866  0.1307  10 DA A "C1'" 
192 N N9    . DA A 10 ? 1.0544 1.0519 0.6886 -0.0951 0.2904  0.1152  10 DA A N9    
193 C C8    . DA A 10 ? 1.1318 1.1432 0.7632 -0.0964 0.3160  0.1023  10 DA A C8    
194 N N7    . DA A 10 ? 1.1988 1.2129 0.7904 -0.0926 0.3147  0.0854  10 DA A N7    
195 C C5    . DA A 10 ? 1.0777 1.0812 0.6492 -0.0874 0.2831  0.0907  10 DA A C5    
196 C C6    . DA A 10 ? 1.1095 1.1101 0.6439 -0.0826 0.2640  0.0806  10 DA A C6    
197 N N6    . DA A 10 ? 1.1676 1.1738 0.6693 -0.0832 0.2735  0.0595  10 DA A N6    
198 N N1    . DA A 10 ? 1.0997 1.0899 0.6361 -0.0779 0.2363  0.0913  10 DA A N1    
199 C C2    . DA A 10 ? 1.0308 1.0114 0.5990 -0.0790 0.2321  0.1074  10 DA A C2    
200 N N3    . DA A 10 ? 1.0458 1.0258 0.6435 -0.0848 0.2472  0.1158  10 DA A N3    
201 C C4    . DA A 10 ? 1.0408 1.0339 0.6401 -0.0885 0.2707  0.1084  10 DA A C4    
# 
